data_7ZNU
#
_entry.id   7ZNU
#
loop_
_entity.id
_entity.type
_entity.pdbx_description
1 polymer 'Beta-(1-->2)glucan export ATP-binding/permease protein NdvA'
2 non-polymer "ADENOSINE-5'-DIPHOSPHATE"
3 non-polymer 'VANADATE ION'
#
_entity_poly.entity_id   1
_entity_poly.type   'polypeptide(L)'
_entity_poly.pdbx_seq_one_letter_code
;MSLLKIYWRAMQYLAVERTATITMCVASVLVALVTLAEPVLFGRVIQSISDKGDIFSPLLMWAALGGFNIMAAVFVARGA
DRLAHRRRLGVMIDSYERLITMPLAWHQKRGTSNALHTLIRATDSLFTLWLEFMRQHLTTVVALATLIPVAMTMDMRMSL
VLIVLGVIYVMIGQLVMRKTKDGQAAVEKHHHKLFEHVSDTISNVSVVQSYNRIASETQALRDYAKNLENAQFPVLNWWA
LASGLNRMASTFSMVVVLVLGAYFVTKGQMRVGDVIAFIGFAQLMIGRLDQISAFINQTVTARAKLEEFFQMEDATADRQ
EPENVADLNDVKGDIVFDNVTYEFPNSGQGVYDVSFEVKPGQTVAIVGPTGAGKTTLINLLQRVFDPAAGRIMIDGTDTR
TVSRRSLRHAIATVFQDAGLFNRSVEDNIRVGRANATHEEVHAAAKAAAAHDFILAKSEGYDTFVGERGSQLSGGERQRL
AIARAILKDSPILVLDEATSALDVETEEKVTQAVDELSHNRTTFIIAHRLSTVRSADLVLFMDKGHLVESGSFNELAERG
GRFSDLLRAGGLKLEDKQPKQPVVEGSNVMPFPVKGAVA
;
_entity_poly.pdbx_strand_id   A,B
#
loop_
_chem_comp.id
_chem_comp.type
_chem_comp.name
_chem_comp.formula
ADP non-polymer ADENOSINE-5'-DIPHOSPHATE 'C10 H15 N5 O10 P2'
VO4 non-polymer 'VANADATE ION' 'O4 V -3'
#
# COMPACT_ATOMS: atom_id res chain seq x y z
N MET A 1 25.40 -6.92 12.05
CA MET A 1 25.16 -8.09 11.19
C MET A 1 23.86 -8.79 11.58
N SER A 2 22.74 -8.07 11.46
CA SER A 2 21.43 -8.62 11.75
C SER A 2 20.90 -9.50 10.62
N LEU A 3 21.71 -9.75 9.59
CA LEU A 3 21.26 -10.58 8.48
C LEU A 3 20.93 -11.99 8.93
N LEU A 4 21.78 -12.57 9.79
CA LEU A 4 21.51 -13.92 10.28
C LEU A 4 20.26 -13.94 11.15
N LYS A 5 20.05 -12.90 11.98
CA LYS A 5 18.83 -12.85 12.76
C LYS A 5 17.61 -12.75 11.87
N ILE A 6 17.71 -11.99 10.77
CA ILE A 6 16.60 -11.89 9.83
C ILE A 6 16.29 -13.25 9.23
N TYR A 7 17.34 -13.98 8.82
CA TYR A 7 17.11 -15.32 8.26
C TYR A 7 16.49 -16.25 9.29
N TRP A 8 16.97 -16.21 10.54
CA TRP A 8 16.38 -17.06 11.57
C TRP A 8 14.91 -16.74 11.80
N ARG A 9 14.56 -15.45 11.88
CA ARG A 9 13.17 -15.10 12.12
C ARG A 9 12.28 -15.50 10.94
N ALA A 10 12.76 -15.29 9.72
CA ALA A 10 12.00 -15.70 8.55
C ALA A 10 11.79 -17.21 8.52
N MET A 11 12.84 -17.98 8.80
CA MET A 11 12.71 -19.44 8.80
C MET A 11 11.80 -19.91 9.94
N GLN A 12 11.87 -19.24 11.10
CA GLN A 12 10.99 -19.58 12.20
C GLN A 12 9.54 -19.36 11.83
N TYR A 13 9.24 -18.28 11.11
CA TYR A 13 7.90 -18.15 10.53
C TYR A 13 7.64 -19.23 9.49
N LEU A 14 8.68 -19.72 8.82
CA LEU A 14 8.47 -20.70 7.76
C LEU A 14 8.32 -22.13 8.29
N ALA A 15 9.16 -22.54 9.22
CA ALA A 15 9.12 -23.91 9.74
C ALA A 15 7.95 -24.03 10.71
N VAL A 16 6.74 -23.95 10.16
CA VAL A 16 5.52 -24.13 10.93
C VAL A 16 4.84 -25.40 10.44
N GLU A 17 4.68 -25.51 9.12
CA GLU A 17 4.20 -26.74 8.50
C GLU A 17 5.35 -27.74 8.48
N ARG A 18 5.57 -28.41 9.60
CA ARG A 18 6.79 -29.19 9.79
C ARG A 18 6.93 -30.30 8.74
N THR A 19 5.84 -31.03 8.50
CA THR A 19 5.89 -32.12 7.52
C THR A 19 6.22 -31.59 6.13
N ALA A 20 5.48 -30.58 5.68
CA ALA A 20 5.69 -30.06 4.33
C ALA A 20 7.08 -29.43 4.19
N THR A 21 7.49 -28.67 5.20
CA THR A 21 8.80 -28.01 5.14
C THR A 21 9.94 -29.03 5.13
N ILE A 22 9.83 -30.06 5.96
CA ILE A 22 10.86 -31.09 5.99
C ILE A 22 10.91 -31.83 4.66
N THR A 23 9.75 -32.14 4.08
CA THR A 23 9.73 -32.80 2.77
C THR A 23 10.37 -31.91 1.71
N MET A 24 10.08 -30.60 1.75
CA MET A 24 10.68 -29.68 0.80
C MET A 24 12.19 -29.67 0.93
N CYS A 25 12.68 -29.60 2.17
CA CYS A 25 14.13 -29.59 2.39
C CYS A 25 14.77 -30.88 1.90
N VAL A 26 14.14 -32.01 2.17
CA VAL A 26 14.68 -33.29 1.74
C VAL A 26 14.73 -33.36 0.22
N ALA A 27 13.64 -32.93 -0.43
CA ALA A 27 13.62 -32.94 -1.89
C ALA A 27 14.71 -32.04 -2.46
N SER A 28 14.90 -30.86 -1.87
CA SER A 28 15.92 -29.94 -2.36
C SER A 28 17.32 -30.52 -2.19
N VAL A 29 17.60 -31.13 -1.03
CA VAL A 29 18.95 -31.66 -0.84
C VAL A 29 19.19 -32.84 -1.77
N LEU A 30 18.19 -33.68 -2.00
CA LEU A 30 18.35 -34.79 -2.93
C LEU A 30 18.61 -34.29 -4.34
N VAL A 31 17.83 -33.30 -4.79
CA VAL A 31 18.03 -32.81 -6.15
C VAL A 31 19.38 -32.10 -6.27
N ALA A 32 19.83 -31.41 -5.22
CA ALA A 32 21.16 -30.80 -5.26
C ALA A 32 22.24 -31.86 -5.36
N LEU A 33 22.13 -32.94 -4.59
CA LEU A 33 23.12 -34.01 -4.69
C LEU A 33 23.12 -34.63 -6.08
N VAL A 34 21.94 -34.78 -6.67
CA VAL A 34 21.85 -35.30 -8.03
C VAL A 34 22.54 -34.37 -9.02
N THR A 35 22.32 -33.06 -8.88
CA THR A 35 22.97 -32.10 -9.76
C THR A 35 24.49 -32.11 -9.58
N LEU A 36 24.97 -32.39 -8.37
CA LEU A 36 26.41 -32.51 -8.16
C LEU A 36 26.96 -33.79 -8.74
N ALA A 37 26.19 -34.88 -8.68
CA ALA A 37 26.66 -36.15 -9.23
C ALA A 37 26.62 -36.17 -10.75
N GLU A 38 25.79 -35.33 -11.37
CA GLU A 38 25.69 -35.32 -12.83
C GLU A 38 27.03 -35.08 -13.53
N PRO A 39 27.80 -34.04 -13.20
CA PRO A 39 29.07 -33.84 -13.91
C PRO A 39 30.05 -34.98 -13.70
N VAL A 40 30.02 -35.65 -12.54
CA VAL A 40 30.92 -36.77 -12.31
C VAL A 40 30.62 -37.87 -13.30
N LEU A 41 29.35 -38.21 -13.46
CA LEU A 41 28.96 -39.25 -14.42
C LEU A 41 29.24 -38.81 -15.85
N PHE A 42 29.07 -37.52 -16.14
CA PHE A 42 29.40 -37.01 -17.47
C PHE A 42 30.89 -37.20 -17.76
N GLY A 43 31.73 -36.88 -16.79
CA GLY A 43 33.16 -37.12 -16.96
C GLY A 43 33.51 -38.58 -17.07
N ARG A 44 32.79 -39.44 -16.34
CA ARG A 44 33.01 -40.88 -16.46
C ARG A 44 32.69 -41.37 -17.87
N VAL A 45 31.51 -41.03 -18.37
CA VAL A 45 31.11 -41.51 -19.69
C VAL A 45 31.96 -40.90 -20.80
N ILE A 46 32.39 -39.65 -20.64
CA ILE A 46 33.33 -39.08 -21.60
C ILE A 46 34.66 -39.82 -21.53
N GLN A 47 35.10 -40.16 -20.32
CA GLN A 47 36.30 -40.97 -20.14
C GLN A 47 36.06 -42.43 -20.49
N SER A 48 34.84 -42.92 -20.33
CA SER A 48 34.55 -44.33 -20.61
C SER A 48 34.80 -44.69 -22.07
N ILE A 49 34.56 -43.77 -23.00
CA ILE A 49 34.77 -44.07 -24.42
C ILE A 49 36.23 -44.21 -24.78
N SER A 50 37.14 -43.86 -23.88
CA SER A 50 38.56 -44.07 -24.14
C SER A 50 38.91 -45.55 -24.30
N ASP A 51 38.30 -46.42 -23.50
CA ASP A 51 38.46 -47.86 -23.68
C ASP A 51 37.35 -48.40 -24.56
N LYS A 52 37.30 -49.72 -24.72
CA LYS A 52 36.29 -50.34 -25.57
C LYS A 52 35.61 -51.46 -24.78
N GLY A 53 34.30 -51.55 -24.95
CA GLY A 53 33.52 -52.58 -24.28
C GLY A 53 32.08 -52.15 -24.15
N ASP A 54 31.31 -52.99 -23.46
CA ASP A 54 29.90 -52.73 -23.22
C ASP A 54 29.78 -51.76 -22.04
N ILE A 55 30.03 -50.49 -22.32
CA ILE A 55 29.99 -49.45 -21.29
C ILE A 55 28.82 -48.52 -21.63
N PHE A 56 27.78 -49.09 -22.23
CA PHE A 56 26.56 -48.34 -22.50
C PHE A 56 25.75 -48.08 -21.24
N SER A 57 25.92 -48.91 -20.20
CA SER A 57 25.17 -48.73 -18.96
C SER A 57 25.41 -47.39 -18.29
N PRO A 58 26.65 -46.88 -18.16
CA PRO A 58 26.81 -45.56 -17.54
C PRO A 58 26.06 -44.44 -18.26
N LEU A 59 25.96 -44.49 -19.58
CA LEU A 59 25.22 -43.48 -20.32
C LEU A 59 23.73 -43.53 -19.96
N LEU A 60 23.16 -44.74 -19.89
CA LEU A 60 21.77 -44.86 -19.47
C LEU A 60 21.57 -44.41 -18.03
N MET A 61 22.54 -44.71 -17.16
CA MET A 61 22.45 -44.24 -15.78
C MET A 61 22.46 -42.71 -15.73
N TRP A 62 23.30 -42.08 -16.53
CA TRP A 62 23.33 -40.62 -16.59
C TRP A 62 22.01 -40.06 -17.11
N ALA A 63 21.41 -40.70 -18.11
CA ALA A 63 20.10 -40.29 -18.58
C ALA A 63 19.05 -40.41 -17.47
N ALA A 64 19.12 -41.50 -16.71
CA ALA A 64 18.18 -41.69 -15.59
C ALA A 64 18.37 -40.61 -14.53
N LEU A 65 19.63 -40.25 -14.25
CA LEU A 65 19.89 -39.16 -13.32
C LEU A 65 19.31 -37.85 -13.84
N GLY A 66 19.43 -37.59 -15.14
CA GLY A 66 18.79 -36.41 -15.70
C GLY A 66 17.28 -36.42 -15.53
N GLY A 67 16.66 -37.59 -15.74
CA GLY A 67 15.22 -37.70 -15.54
C GLY A 67 14.80 -37.45 -14.11
N PHE A 68 15.56 -38.03 -13.16
CA PHE A 68 15.31 -37.75 -11.75
C PHE A 68 15.47 -36.27 -11.45
N ASN A 69 16.47 -35.63 -12.05
CA ASN A 69 16.64 -34.19 -11.86
C ASN A 69 15.41 -33.42 -12.34
N ILE A 70 14.89 -33.78 -13.51
CA ILE A 70 13.72 -33.10 -14.06
C ILE A 70 12.53 -33.27 -13.13
N MET A 71 12.25 -34.51 -12.73
CA MET A 71 11.07 -34.78 -11.91
C MET A 71 11.19 -34.11 -10.54
N ALA A 72 12.39 -34.16 -9.95
CA ALA A 72 12.59 -33.49 -8.66
C ALA A 72 12.47 -31.99 -8.80
N ALA A 73 12.91 -31.41 -9.91
CA ALA A 73 12.73 -29.98 -10.13
C ALA A 73 11.26 -29.63 -10.17
N VAL A 74 10.47 -30.43 -10.87
CA VAL A 74 9.02 -30.19 -10.89
C VAL A 74 8.45 -30.26 -9.48
N PHE A 75 8.84 -31.29 -8.74
CA PHE A 75 8.29 -31.50 -7.40
C PHE A 75 8.63 -30.33 -6.49
N VAL A 76 9.90 -29.90 -6.49
CA VAL A 76 10.32 -28.83 -5.60
C VAL A 76 9.68 -27.52 -5.99
N ALA A 77 9.55 -27.24 -7.30
CA ALA A 77 8.89 -26.02 -7.71
C ALA A 77 7.46 -25.98 -7.21
N ARG A 78 6.69 -27.04 -7.47
CA ARG A 78 5.29 -27.03 -7.06
C ARG A 78 5.14 -26.93 -5.55
N GLY A 79 5.88 -27.76 -4.81
CA GLY A 79 5.75 -27.76 -3.37
C GLY A 79 6.19 -26.46 -2.73
N ALA A 80 7.32 -25.91 -3.19
CA ALA A 80 7.79 -24.64 -2.65
C ALA A 80 6.80 -23.52 -2.92
N ASP A 81 6.24 -23.47 -4.13
CA ASP A 81 5.30 -22.40 -4.44
C ASP A 81 4.05 -22.52 -3.58
N ARG A 82 3.50 -23.73 -3.45
CA ARG A 82 2.30 -23.91 -2.64
C ARG A 82 2.54 -23.56 -1.19
N LEU A 83 3.65 -24.05 -0.61
CA LEU A 83 3.95 -23.76 0.78
C LEU A 83 4.18 -22.27 0.98
N ALA A 84 4.84 -21.61 0.02
CA ALA A 84 5.07 -20.17 0.14
C ALA A 84 3.77 -19.40 0.18
N HIS A 85 2.83 -19.73 -0.71
CA HIS A 85 1.54 -19.03 -0.68
C HIS A 85 0.79 -19.30 0.61
N ARG A 86 0.77 -20.57 1.06
CA ARG A 86 0.06 -20.88 2.30
C ARG A 86 0.65 -20.11 3.47
N ARG A 87 1.99 -20.08 3.56
CA ARG A 87 2.64 -19.39 4.66
C ARG A 87 2.41 -17.88 4.59
N ARG A 88 2.43 -17.31 3.38
CA ARG A 88 2.15 -15.89 3.25
C ARG A 88 0.75 -15.56 3.74
N LEU A 89 -0.24 -16.37 3.34
CA LEU A 89 -1.61 -16.12 3.79
C LEU A 89 -1.72 -16.26 5.30
N GLY A 90 -1.10 -17.29 5.88
CA GLY A 90 -1.19 -17.46 7.32
C GLY A 90 -0.53 -16.33 8.08
N VAL A 91 0.64 -15.89 7.62
CA VAL A 91 1.33 -14.78 8.27
C VAL A 91 0.49 -13.52 8.19
N MET A 92 -0.11 -13.25 7.03
CA MET A 92 -0.99 -12.10 6.91
C MET A 92 -2.16 -12.20 7.87
N ILE A 93 -2.75 -13.38 7.99
CA ILE A 93 -3.87 -13.59 8.89
C ILE A 93 -3.48 -13.21 10.31
N ASP A 94 -2.38 -13.78 10.81
CA ASP A 94 -2.04 -13.61 12.21
C ASP A 94 -1.54 -12.19 12.49
N SER A 95 -0.80 -11.61 11.54
CA SER A 95 -0.35 -10.23 11.69
C SER A 95 -1.53 -9.27 11.70
N TYR A 96 -2.53 -9.50 10.85
CA TYR A 96 -3.74 -8.69 10.88
C TYR A 96 -4.46 -8.84 12.22
N GLU A 97 -4.48 -10.06 12.76
CA GLU A 97 -5.10 -10.27 14.07
C GLU A 97 -4.42 -9.42 15.13
N ARG A 98 -3.09 -9.50 15.21
CA ARG A 98 -2.39 -8.67 16.19
C ARG A 98 -2.57 -7.18 15.92
N LEU A 99 -2.62 -6.78 14.65
CA LEU A 99 -2.77 -5.38 14.31
C LEU A 99 -4.11 -4.83 14.81
N ILE A 100 -5.20 -5.56 14.58
CA ILE A 100 -6.49 -5.10 15.07
C ILE A 100 -6.60 -5.30 16.58
N THR A 101 -5.73 -6.13 17.17
CA THR A 101 -5.72 -6.29 18.62
C THR A 101 -5.27 -5.04 19.35
N MET A 102 -4.44 -4.21 18.71
CA MET A 102 -3.81 -3.08 19.38
C MET A 102 -4.87 -2.08 19.86
N PRO A 103 -4.55 -1.31 20.92
CA PRO A 103 -5.49 -0.27 21.37
C PRO A 103 -5.51 0.93 20.44
N LEU A 104 -6.38 1.90 20.73
CA LEU A 104 -6.55 3.04 19.85
C LEU A 104 -5.35 3.97 19.83
N ALA A 105 -4.72 4.20 20.98
CA ALA A 105 -3.64 5.19 21.05
C ALA A 105 -2.46 4.80 20.18
N TRP A 106 -2.09 3.51 20.19
CA TRP A 106 -0.97 3.06 19.37
C TRP A 106 -1.25 3.27 17.88
N HIS A 107 -2.51 3.15 17.47
CA HIS A 107 -2.86 3.41 16.08
C HIS A 107 -2.85 4.91 15.77
N GLN A 108 -3.37 5.73 16.68
CA GLN A 108 -3.38 7.18 16.48
C GLN A 108 -1.98 7.77 16.46
N LYS A 109 -1.02 7.18 17.18
CA LYS A 109 0.32 7.74 17.24
C LYS A 109 1.16 7.41 16.03
N ARG A 110 1.14 6.17 15.55
CA ARG A 110 1.99 5.79 14.43
C ARG A 110 1.22 5.17 13.28
N GLY A 111 0.25 4.32 13.59
CA GLY A 111 -0.35 3.50 12.55
C GLY A 111 -1.24 4.23 11.56
N THR A 112 -2.42 4.65 12.01
CA THR A 112 -3.43 5.26 11.15
C THR A 112 -3.64 4.45 9.89
N SER A 113 -2.89 4.76 8.83
CA SER A 113 -2.94 4.00 7.59
C SER A 113 -1.60 3.49 7.11
N ASN A 114 -0.49 4.01 7.64
CA ASN A 114 0.83 3.52 7.26
C ASN A 114 1.03 2.06 7.65
N ALA A 115 0.36 1.62 8.71
CA ALA A 115 0.53 0.25 9.20
C ALA A 115 0.11 -0.76 8.14
N LEU A 116 -0.99 -0.49 7.45
CA LEU A 116 -1.45 -1.40 6.40
C LEU A 116 -0.43 -1.52 5.28
N HIS A 117 0.12 -0.39 4.83
CA HIS A 117 1.12 -0.43 3.77
C HIS A 117 2.35 -1.19 4.22
N THR A 118 2.79 -0.96 5.46
CA THR A 118 3.95 -1.67 5.97
C THR A 118 3.68 -3.16 6.04
N LEU A 119 2.48 -3.55 6.48
CA LEU A 119 2.14 -4.96 6.55
C LEU A 119 2.16 -5.61 5.18
N ILE A 120 1.56 -4.96 4.19
CA ILE A 120 1.52 -5.52 2.85
C ILE A 120 2.92 -5.67 2.27
N ARG A 121 3.74 -4.61 2.42
CA ARG A 121 5.09 -4.65 1.87
C ARG A 121 5.92 -5.73 2.54
N ALA A 122 5.84 -5.83 3.87
CA ALA A 122 6.58 -6.84 4.58
C ALA A 122 6.11 -8.24 4.18
N THR A 123 4.80 -8.41 3.98
CA THR A 123 4.28 -9.72 3.63
C THR A 123 4.78 -10.17 2.28
N ASP A 124 4.72 -9.28 1.28
CA ASP A 124 5.18 -9.68 -0.05
C ASP A 124 6.70 -9.90 -0.06
N SER A 125 7.44 -9.07 0.66
CA SER A 125 8.89 -9.26 0.75
C SER A 125 9.21 -10.60 1.41
N LEU A 126 8.46 -10.97 2.44
CA LEU A 126 8.67 -12.26 3.09
C LEU A 126 8.32 -13.41 2.15
N PHE A 127 7.28 -13.26 1.35
CA PHE A 127 6.96 -14.28 0.36
C PHE A 127 8.13 -14.50 -0.60
N THR A 128 8.64 -13.41 -1.18
CA THR A 128 9.76 -13.52 -2.11
C THR A 128 10.98 -14.11 -1.41
N LEU A 129 11.24 -13.66 -0.19
CA LEU A 129 12.35 -14.18 0.60
C LEU A 129 12.22 -15.69 0.78
N TRP A 130 11.06 -16.15 1.25
CA TRP A 130 10.87 -17.58 1.47
C TRP A 130 11.16 -18.35 0.20
N LEU A 131 10.50 -17.99 -0.90
CA LEU A 131 10.65 -18.74 -2.13
C LEU A 131 12.10 -18.79 -2.59
N GLU A 132 12.67 -17.61 -2.87
CA GLU A 132 13.99 -17.55 -3.48
C GLU A 132 15.05 -18.11 -2.54
N PHE A 133 15.02 -17.68 -1.26
CA PHE A 133 15.97 -18.20 -0.28
C PHE A 133 15.92 -19.72 -0.24
N MET A 134 14.77 -20.29 0.10
CA MET A 134 14.64 -21.73 0.18
C MET A 134 15.29 -22.38 -1.04
N ARG A 135 14.75 -22.13 -2.22
CA ARG A 135 15.24 -22.85 -3.39
C ARG A 135 16.72 -22.61 -3.63
N GLN A 136 17.08 -21.37 -3.96
CA GLN A 136 18.43 -21.08 -4.41
C GLN A 136 19.46 -21.38 -3.32
N HIS A 137 19.26 -20.82 -2.12
CA HIS A 137 20.25 -20.99 -1.07
C HIS A 137 20.40 -22.45 -0.66
N LEU A 138 19.29 -23.17 -0.44
CA LEU A 138 19.45 -24.55 0.01
C LEU A 138 20.17 -25.36 -1.05
N THR A 139 19.80 -25.19 -2.32
CA THR A 139 20.46 -25.93 -3.38
C THR A 139 21.96 -25.62 -3.41
N THR A 140 22.32 -24.33 -3.38
CA THR A 140 23.72 -23.98 -3.57
C THR A 140 24.56 -24.32 -2.33
N VAL A 141 23.99 -24.23 -1.13
CA VAL A 141 24.73 -24.58 0.07
C VAL A 141 25.00 -26.08 0.11
N VAL A 142 23.98 -26.89 -0.18
CA VAL A 142 24.23 -28.33 -0.25
C VAL A 142 25.22 -28.63 -1.36
N ALA A 143 25.14 -27.89 -2.47
CA ALA A 143 26.09 -28.06 -3.56
C ALA A 143 27.52 -27.86 -3.09
N LEU A 144 27.79 -26.74 -2.41
CA LEU A 144 29.14 -26.46 -1.93
C LEU A 144 29.59 -27.50 -0.92
N ALA A 145 28.70 -27.88 0.00
CA ALA A 145 29.06 -28.84 1.03
C ALA A 145 29.43 -30.19 0.45
N THR A 146 28.71 -30.64 -0.59
CA THR A 146 29.05 -31.89 -1.25
C THR A 146 30.25 -31.74 -2.18
N LEU A 147 30.48 -30.55 -2.73
CA LEU A 147 31.57 -30.33 -3.67
C LEU A 147 32.93 -30.28 -3.02
N ILE A 148 33.03 -29.70 -1.82
CA ILE A 148 34.35 -29.57 -1.18
C ILE A 148 35.07 -30.90 -1.02
N PRO A 149 34.46 -31.96 -0.45
CA PRO A 149 35.21 -33.22 -0.31
C PRO A 149 35.59 -33.84 -1.65
N VAL A 150 34.74 -33.69 -2.67
CA VAL A 150 35.04 -34.31 -3.96
C VAL A 150 36.29 -33.68 -4.57
N ALA A 151 36.35 -32.34 -4.57
CA ALA A 151 37.54 -31.67 -5.06
C ALA A 151 38.74 -31.91 -4.17
N MET A 152 38.54 -32.08 -2.86
CA MET A 152 39.65 -32.38 -1.96
C MET A 152 40.25 -33.75 -2.28
N THR A 153 39.41 -34.72 -2.61
CA THR A 153 39.89 -36.03 -3.03
C THR A 153 40.52 -36.00 -4.42
N MET A 154 40.14 -35.04 -5.25
CA MET A 154 40.71 -34.84 -6.58
C MET A 154 41.93 -33.91 -6.44
N ASP A 155 42.52 -33.41 -7.52
CA ASP A 155 43.69 -32.54 -7.39
C ASP A 155 43.35 -31.31 -6.58
N MET A 156 44.22 -30.96 -5.64
CA MET A 156 43.98 -29.88 -4.69
C MET A 156 44.24 -28.50 -5.26
N ARG A 157 44.89 -28.41 -6.43
CA ARG A 157 45.27 -27.12 -6.99
C ARG A 157 44.04 -26.28 -7.32
N MET A 158 43.11 -26.86 -8.07
CA MET A 158 41.85 -26.18 -8.35
C MET A 158 41.04 -25.96 -7.08
N SER A 159 41.21 -26.82 -6.08
CA SER A 159 40.53 -26.61 -4.80
C SER A 159 41.03 -25.33 -4.12
N LEU A 160 42.35 -25.12 -4.13
CA LEU A 160 42.89 -23.87 -3.61
C LEU A 160 42.45 -22.68 -4.46
N VAL A 161 42.26 -22.89 -5.76
CA VAL A 161 41.67 -21.83 -6.57
C VAL A 161 40.25 -21.50 -6.10
N LEU A 162 39.45 -22.54 -5.86
CA LEU A 162 38.05 -22.38 -5.50
C LEU A 162 37.90 -21.69 -4.15
N ILE A 163 38.72 -22.05 -3.18
CA ILE A 163 38.58 -21.44 -1.86
C ILE A 163 38.93 -19.96 -1.92
N VAL A 164 39.94 -19.58 -2.72
CA VAL A 164 40.23 -18.16 -2.89
C VAL A 164 39.08 -17.46 -3.60
N LEU A 165 38.44 -18.14 -4.56
CA LEU A 165 37.26 -17.56 -5.19
C LEU A 165 36.18 -17.25 -4.15
N GLY A 166 35.88 -18.22 -3.29
CA GLY A 166 34.88 -18.01 -2.25
C GLY A 166 35.26 -16.91 -1.28
N VAL A 167 36.55 -16.86 -0.91
CA VAL A 167 37.02 -15.82 0.00
C VAL A 167 36.84 -14.45 -0.64
N ILE A 168 37.16 -14.33 -1.93
CA ILE A 168 36.96 -13.06 -2.63
C ILE A 168 35.50 -12.66 -2.58
N TYR A 169 34.59 -13.60 -2.87
CA TYR A 169 33.18 -13.26 -2.89
C TYR A 169 32.69 -12.81 -1.51
N VAL A 170 33.07 -13.54 -0.46
CA VAL A 170 32.57 -13.18 0.86
C VAL A 170 33.17 -11.85 1.32
N MET A 171 34.44 -11.59 1.03
CA MET A 171 35.05 -10.34 1.46
C MET A 171 34.42 -9.16 0.73
N ILE A 172 34.20 -9.29 -0.58
CA ILE A 172 33.58 -8.18 -1.29
C ILE A 172 32.15 -7.98 -0.80
N GLY A 173 31.45 -9.06 -0.44
CA GLY A 173 30.12 -8.90 0.12
C GLY A 173 30.14 -8.13 1.44
N GLN A 174 31.07 -8.47 2.32
CA GLN A 174 31.17 -7.75 3.59
C GLN A 174 31.49 -6.28 3.38
N LEU A 175 32.44 -5.99 2.48
CA LEU A 175 32.81 -4.59 2.24
C LEU A 175 31.63 -3.82 1.66
N VAL A 176 30.89 -4.45 0.73
CA VAL A 176 29.75 -3.79 0.13
C VAL A 176 28.68 -3.50 1.18
N MET A 177 28.41 -4.47 2.05
CA MET A 177 27.43 -4.24 3.12
C MET A 177 27.87 -3.09 4.02
N ARG A 178 29.16 -3.05 4.39
CA ARG A 178 29.64 -1.95 5.22
C ARG A 178 29.46 -0.61 4.52
N LYS A 179 29.78 -0.54 3.25
CA LYS A 179 29.67 0.73 2.51
C LYS A 179 28.24 1.11 2.18
N THR A 180 27.30 0.17 2.24
CA THR A 180 25.95 0.38 1.73
C THR A 180 24.89 0.50 2.82
N LYS A 181 25.16 0.04 4.04
CA LYS A 181 24.12 0.01 5.06
C LYS A 181 23.62 1.42 5.40
N ASP A 182 24.55 2.38 5.54
CA ASP A 182 24.14 3.74 5.89
C ASP A 182 23.30 4.37 4.79
N GLY A 183 23.70 4.18 3.54
CA GLY A 183 22.89 4.66 2.43
C GLY A 183 21.53 4.02 2.41
N GLN A 184 21.46 2.72 2.72
CA GLN A 184 20.18 2.04 2.79
C GLN A 184 19.28 2.66 3.85
N ALA A 185 19.84 2.95 5.02
CA ALA A 185 19.05 3.56 6.09
C ALA A 185 18.53 4.93 5.70
N ALA A 186 19.39 5.76 5.11
CA ALA A 186 18.96 7.08 4.68
C ALA A 186 17.88 6.99 3.61
N VAL A 187 18.05 6.08 2.65
CA VAL A 187 17.06 5.88 1.61
C VAL A 187 15.73 5.48 2.21
N GLU A 188 15.75 4.57 3.19
CA GLU A 188 14.51 4.12 3.81
C GLU A 188 13.81 5.25 4.53
N LYS A 189 14.56 6.08 5.27
CA LYS A 189 13.92 7.17 5.99
C LYS A 189 13.31 8.19 5.02
N HIS A 190 14.01 8.49 3.94
CA HIS A 190 13.46 9.43 2.95
C HIS A 190 12.22 8.85 2.28
N HIS A 191 12.25 7.55 1.97
CA HIS A 191 11.08 6.91 1.36
C HIS A 191 9.89 6.94 2.30
N HIS A 192 10.11 6.69 3.59
CA HIS A 192 9.00 6.75 4.53
C HIS A 192 8.42 8.14 4.61
N LYS A 193 9.26 9.17 4.62
CA LYS A 193 8.75 10.54 4.62
C LYS A 193 7.92 10.81 3.36
N LEU A 194 8.42 10.35 2.21
CA LEU A 194 7.71 10.54 0.95
C LEU A 194 6.34 9.87 0.99
N PHE A 195 6.29 8.62 1.45
CA PHE A 195 5.01 7.92 1.50
C PHE A 195 4.05 8.57 2.48
N GLU A 196 4.56 9.05 3.62
CA GLU A 196 3.69 9.73 4.56
C GLU A 196 3.08 10.98 3.94
N HIS A 197 3.90 11.76 3.21
CA HIS A 197 3.35 12.94 2.56
C HIS A 197 2.31 12.56 1.52
N VAL A 198 2.59 11.52 0.73
CA VAL A 198 1.65 11.11 -0.30
C VAL A 198 0.32 10.70 0.31
N SER A 199 0.36 9.89 1.37
CA SER A 199 -0.86 9.43 2.00
C SER A 199 -1.63 10.59 2.62
N ASP A 200 -0.93 11.49 3.32
CA ASP A 200 -1.62 12.62 3.92
C ASP A 200 -2.26 13.52 2.87
N THR A 201 -1.62 13.67 1.71
CA THR A 201 -2.21 14.50 0.67
C THR A 201 -3.42 13.82 0.05
N ILE A 202 -3.32 12.53 -0.28
CA ILE A 202 -4.41 11.85 -0.94
C ILE A 202 -5.63 11.74 -0.03
N SER A 203 -5.42 11.42 1.25
CA SER A 203 -6.53 11.16 2.16
C SER A 203 -7.45 12.36 2.34
N ASN A 204 -6.96 13.57 2.07
CA ASN A 204 -7.75 14.79 2.29
C ASN A 204 -7.76 15.62 1.01
N VAL A 205 -8.05 14.96 -0.12
CA VAL A 205 -7.96 15.61 -1.42
C VAL A 205 -8.96 16.75 -1.56
N SER A 206 -10.09 16.72 -0.84
CA SER A 206 -11.07 17.79 -0.99
C SER A 206 -10.50 19.13 -0.55
N VAL A 207 -9.82 19.17 0.59
CA VAL A 207 -9.29 20.42 1.11
C VAL A 207 -8.23 20.97 0.16
N VAL A 208 -7.31 20.12 -0.31
CA VAL A 208 -6.25 20.59 -1.17
C VAL A 208 -6.79 21.02 -2.54
N GLN A 209 -7.83 20.35 -3.05
CA GLN A 209 -8.41 20.75 -4.32
C GLN A 209 -9.32 21.97 -4.19
N SER A 210 -9.76 22.32 -2.99
CA SER A 210 -10.59 23.50 -2.79
C SER A 210 -9.81 24.69 -2.28
N TYR A 211 -8.48 24.62 -2.31
CA TYR A 211 -7.66 25.75 -1.87
C TYR A 211 -6.52 26.06 -2.83
N ASN A 212 -6.52 25.50 -4.04
CA ASN A 212 -5.55 25.84 -5.08
C ASN A 212 -4.11 25.62 -4.60
N ARG A 213 -3.90 24.48 -3.95
CA ARG A 213 -2.59 24.15 -3.38
C ARG A 213 -1.93 23.00 -4.13
N ILE A 214 -2.40 22.71 -5.34
CA ILE A 214 -1.86 21.58 -6.10
C ILE A 214 -0.40 21.81 -6.45
N ALA A 215 -0.09 23.01 -6.95
CA ALA A 215 1.27 23.29 -7.41
C ALA A 215 2.27 23.22 -6.25
N SER A 216 1.91 23.82 -5.12
CA SER A 216 2.81 23.80 -3.97
C SER A 216 3.05 22.38 -3.48
N GLU A 217 1.99 21.57 -3.41
CA GLU A 217 2.13 20.21 -2.93
C GLU A 217 2.99 19.38 -3.87
N THR A 218 2.75 19.50 -5.19
CA THR A 218 3.56 18.72 -6.12
C THR A 218 5.01 19.19 -6.13
N GLN A 219 5.25 20.49 -5.92
CA GLN A 219 6.63 20.96 -5.86
C GLN A 219 7.33 20.45 -4.60
N ALA A 220 6.62 20.42 -3.47
CA ALA A 220 7.19 19.86 -2.25
C ALA A 220 7.51 18.39 -2.43
N LEU A 221 6.63 17.65 -3.10
CA LEU A 221 6.88 16.23 -3.32
C LEU A 221 8.05 16.05 -4.28
N ARG A 222 8.20 16.96 -5.25
CA ARG A 222 9.36 16.94 -6.12
C ARG A 222 10.65 17.15 -5.32
N ASP A 223 10.62 18.07 -4.37
CA ASP A 223 11.77 18.28 -3.50
C ASP A 223 12.08 17.03 -2.68
N TYR A 224 11.03 16.36 -2.18
CA TYR A 224 11.24 15.11 -1.45
C TYR A 224 11.90 14.06 -2.34
N ALA A 225 11.45 13.97 -3.60
CA ALA A 225 12.03 13.02 -4.53
C ALA A 225 13.50 13.36 -4.81
N LYS A 226 13.80 14.65 -4.96
CA LYS A 226 15.19 15.06 -5.14
C LYS A 226 16.05 14.64 -3.95
N ASN A 227 15.58 14.93 -2.74
CA ASN A 227 16.33 14.54 -1.55
C ASN A 227 16.52 13.03 -1.48
N LEU A 228 15.48 12.28 -1.81
CA LEU A 228 15.60 10.81 -1.80
C LEU A 228 16.64 10.34 -2.80
N GLU A 229 16.64 10.90 -4.01
CA GLU A 229 17.56 10.44 -5.03
C GLU A 229 18.99 10.95 -4.82
N ASN A 230 19.19 11.95 -3.95
CA ASN A 230 20.55 12.34 -3.62
C ASN A 230 21.33 11.19 -2.98
N ALA A 231 20.71 10.45 -2.07
CA ALA A 231 21.35 9.32 -1.41
C ALA A 231 21.14 8.03 -2.16
N GLN A 232 20.47 8.07 -3.31
CA GLN A 232 20.17 6.87 -4.08
C GLN A 232 21.32 6.43 -4.98
N PHE A 233 22.17 7.35 -5.41
CA PHE A 233 23.20 7.02 -6.39
C PHE A 233 24.40 6.27 -5.82
N PRO A 234 24.96 6.66 -4.66
CA PRO A 234 26.16 5.95 -4.18
C PRO A 234 25.95 4.46 -3.96
N VAL A 235 24.78 4.05 -3.47
CA VAL A 235 24.57 2.64 -3.16
C VAL A 235 24.52 1.81 -4.45
N LEU A 236 23.81 2.30 -5.46
CA LEU A 236 23.76 1.57 -6.72
C LEU A 236 25.11 1.61 -7.42
N ASN A 237 25.86 2.70 -7.26
CA ASN A 237 27.21 2.76 -7.80
C ASN A 237 28.08 1.68 -7.17
N TRP A 238 27.97 1.52 -5.85
CA TRP A 238 28.74 0.49 -5.16
C TRP A 238 28.32 -0.91 -5.60
N TRP A 239 27.02 -1.14 -5.78
CA TRP A 239 26.56 -2.44 -6.26
C TRP A 239 27.08 -2.72 -7.67
N ALA A 240 27.08 -1.71 -8.53
CA ALA A 240 27.62 -1.90 -9.87
C ALA A 240 29.11 -2.22 -9.81
N LEU A 241 29.85 -1.52 -8.95
CA LEU A 241 31.27 -1.81 -8.79
C LEU A 241 31.47 -3.25 -8.32
N ALA A 242 30.65 -3.69 -7.37
CA ALA A 242 30.75 -5.06 -6.87
C ALA A 242 30.43 -6.08 -7.95
N SER A 243 29.40 -5.80 -8.76
CA SER A 243 29.04 -6.72 -9.83
C SER A 243 30.18 -6.83 -10.84
N GLY A 244 30.79 -5.70 -11.20
CA GLY A 244 31.93 -5.75 -12.09
C GLY A 244 33.11 -6.50 -11.48
N LEU A 245 33.36 -6.27 -10.18
CA LEU A 245 34.48 -6.94 -9.53
C LEU A 245 34.28 -8.45 -9.51
N ASN A 246 33.06 -8.91 -9.20
CA ASN A 246 32.84 -10.35 -9.15
C ASN A 246 32.79 -10.95 -10.54
N ARG A 247 32.35 -10.20 -11.55
CA ARG A 247 32.46 -10.68 -12.93
C ARG A 247 33.93 -10.84 -13.31
N MET A 248 34.77 -9.88 -12.94
CA MET A 248 36.20 -10.00 -13.17
C MET A 248 36.77 -11.21 -12.45
N ALA A 249 36.33 -11.44 -11.22
CA ALA A 249 36.80 -12.60 -10.47
C ALA A 249 36.40 -13.90 -11.15
N SER A 250 35.15 -13.97 -11.65
CA SER A 250 34.69 -15.18 -12.32
C SER A 250 35.48 -15.45 -13.58
N THR A 251 35.66 -14.42 -14.43
CA THR A 251 36.44 -14.60 -15.65
C THR A 251 37.89 -14.95 -15.32
N PHE A 252 38.44 -14.32 -14.30
CA PHE A 252 39.82 -14.59 -13.89
CA PHE A 252 39.82 -14.59 -13.89
CA PHE A 252 39.82 -14.59 -13.89
C PHE A 252 39.98 -16.04 -13.44
N SER A 253 39.03 -16.53 -12.64
CA SER A 253 39.08 -17.91 -12.19
C SER A 253 38.91 -18.87 -13.35
N MET A 254 38.05 -18.53 -14.32
CA MET A 254 37.91 -19.37 -15.49
C MET A 254 39.21 -19.44 -16.29
N VAL A 255 39.90 -18.30 -16.41
CA VAL A 255 41.20 -18.29 -17.09
C VAL A 255 42.20 -19.17 -16.35
N VAL A 256 42.23 -19.06 -15.02
CA VAL A 256 43.15 -19.88 -14.23
C VAL A 256 42.84 -21.36 -14.41
N VAL A 257 41.55 -21.71 -14.40
CA VAL A 257 41.15 -23.09 -14.59
C VAL A 257 41.55 -23.59 -15.97
N LEU A 258 41.38 -22.77 -16.99
CA LEU A 258 41.80 -23.15 -18.33
C LEU A 258 43.29 -23.42 -18.40
N VAL A 259 44.08 -22.54 -17.77
CA VAL A 259 45.53 -22.73 -17.77
C VAL A 259 45.91 -24.02 -17.04
N LEU A 260 45.27 -24.26 -15.89
CA LEU A 260 45.58 -25.46 -15.11
C LEU A 260 45.21 -26.71 -15.89
N GLY A 261 44.06 -26.69 -16.56
CA GLY A 261 43.68 -27.83 -17.38
C GLY A 261 44.61 -28.03 -18.56
N ALA A 262 45.09 -26.93 -19.16
CA ALA A 262 46.04 -27.05 -20.25
C ALA A 262 47.33 -27.71 -19.79
N TYR A 263 47.83 -27.31 -18.62
CA TYR A 263 48.99 -28.00 -18.07
C TYR A 263 48.67 -29.46 -17.73
N PHE A 264 47.47 -29.71 -17.21
CA PHE A 264 47.07 -31.08 -16.87
C PHE A 264 46.99 -31.96 -18.11
N VAL A 265 46.78 -31.35 -19.28
CA VAL A 265 46.73 -32.12 -20.53
C VAL A 265 48.08 -32.77 -20.80
N THR A 266 49.17 -32.04 -20.55
CA THR A 266 50.50 -32.60 -20.74
C THR A 266 50.68 -33.86 -19.90
N LYS A 267 50.33 -33.79 -18.63
CA LYS A 267 50.37 -34.96 -17.76
C LYS A 267 49.57 -34.66 -16.50
N GLY A 268 49.04 -35.72 -15.90
CA GLY A 268 48.23 -35.57 -14.70
C GLY A 268 47.78 -36.92 -14.16
N GLN A 269 46.60 -36.96 -13.53
CA GLN A 269 46.07 -38.18 -12.97
C GLN A 269 44.79 -38.61 -13.70
N MET A 270 43.77 -37.77 -13.74
CA MET A 270 42.53 -38.11 -14.43
C MET A 270 42.52 -37.54 -15.84
N ARG A 271 41.36 -37.52 -16.48
CA ARG A 271 41.27 -37.28 -17.92
C ARG A 271 40.57 -35.94 -18.18
N VAL A 272 40.49 -35.60 -19.46
CA VAL A 272 39.77 -34.40 -19.88
C VAL A 272 38.29 -34.50 -19.53
N GLY A 273 37.75 -35.71 -19.37
CA GLY A 273 36.39 -35.83 -18.89
C GLY A 273 36.22 -35.22 -17.51
N ASP A 274 37.10 -35.57 -16.58
CA ASP A 274 37.08 -34.93 -15.26
C ASP A 274 37.42 -33.46 -15.36
N VAL A 275 38.33 -33.10 -16.27
CA VAL A 275 38.69 -31.68 -16.42
C VAL A 275 37.46 -30.86 -16.80
N ILE A 276 36.71 -31.31 -17.80
CA ILE A 276 35.55 -30.55 -18.25
C ILE A 276 34.41 -30.67 -17.25
N ALA A 277 34.33 -31.77 -16.51
CA ALA A 277 33.36 -31.85 -15.42
C ALA A 277 33.65 -30.78 -14.37
N PHE A 278 34.92 -30.59 -14.05
CA PHE A 278 35.31 -29.53 -13.13
C PHE A 278 35.06 -28.15 -13.73
N ILE A 279 35.21 -28.02 -15.05
CA ILE A 279 34.85 -26.78 -15.72
C ILE A 279 33.37 -26.49 -15.54
N GLY A 280 32.53 -27.51 -15.71
CA GLY A 280 31.10 -27.35 -15.48
C GLY A 280 30.81 -27.01 -14.03
N PHE A 281 31.53 -27.63 -13.10
CA PHE A 281 31.41 -27.26 -11.70
C PHE A 281 31.71 -25.78 -11.50
N ALA A 282 32.78 -25.30 -12.12
CA ALA A 282 33.17 -23.89 -11.98
C ALA A 282 32.10 -22.96 -12.52
N GLN A 283 31.57 -23.26 -13.71
CA GLN A 283 30.57 -22.37 -14.29
C GLN A 283 29.27 -22.43 -13.49
N LEU A 284 28.90 -23.61 -12.99
CA LEU A 284 27.72 -23.72 -12.15
C LEU A 284 27.88 -22.91 -10.87
N MET A 285 29.05 -22.99 -10.24
CA MET A 285 29.31 -22.17 -9.07
C MET A 285 29.25 -20.70 -9.40
N ILE A 286 29.81 -20.30 -10.55
CA ILE A 286 29.77 -18.90 -10.94
C ILE A 286 28.33 -18.42 -11.05
N GLY A 287 27.50 -19.17 -11.77
CA GLY A 287 26.12 -18.77 -11.93
C GLY A 287 25.37 -18.70 -10.61
N ARG A 288 25.47 -19.76 -9.80
CA ARG A 288 24.72 -19.78 -8.55
C ARG A 288 25.20 -18.70 -7.59
N LEU A 289 26.50 -18.45 -7.54
CA LEU A 289 27.01 -17.39 -6.70
C LEU A 289 26.52 -16.03 -7.19
N ASP A 290 26.39 -15.86 -8.50
CA ASP A 290 25.81 -14.62 -9.02
C ASP A 290 24.36 -14.46 -8.57
N GLN A 291 23.56 -15.53 -8.68
CA GLN A 291 22.17 -15.42 -8.25
C GLN A 291 22.07 -15.13 -6.75
N ILE A 292 22.91 -15.77 -5.94
CA ILE A 292 22.82 -15.52 -4.50
C ILE A 292 23.33 -14.14 -4.15
N SER A 293 24.27 -13.60 -4.95
CA SER A 293 24.66 -12.21 -4.75
C SER A 293 23.50 -11.27 -5.06
N ALA A 294 22.78 -11.53 -6.14
CA ALA A 294 21.58 -10.73 -6.43
C ALA A 294 20.57 -10.87 -5.29
N PHE A 295 20.41 -12.08 -4.76
CA PHE A 295 19.51 -12.30 -3.65
C PHE A 295 19.93 -11.50 -2.41
N ILE A 296 21.24 -11.45 -2.15
CA ILE A 296 21.74 -10.61 -1.07
C ILE A 296 21.37 -9.16 -1.31
N ASN A 297 21.44 -8.73 -2.58
CA ASN A 297 21.04 -7.36 -2.91
C ASN A 297 19.57 -7.12 -2.56
N GLN A 298 18.68 -8.03 -2.97
CA GLN A 298 17.27 -7.83 -2.66
C GLN A 298 17.02 -7.87 -1.15
N THR A 299 17.71 -8.76 -0.45
CA THR A 299 17.56 -8.83 1.01
C THR A 299 18.00 -7.53 1.66
N VAL A 300 19.10 -6.95 1.17
CA VAL A 300 19.54 -5.65 1.70
C VAL A 300 18.50 -4.58 1.41
N THR A 301 17.89 -4.63 0.22
CA THR A 301 16.86 -3.64 -0.10
C THR A 301 15.68 -3.74 0.86
N ALA A 302 15.24 -4.95 1.17
CA ALA A 302 14.06 -5.14 2.02
C ALA A 302 14.40 -5.22 3.50
N ARG A 303 15.68 -5.07 3.86
CA ARG A 303 16.11 -5.24 5.24
C ARG A 303 15.42 -4.28 6.19
N ALA A 304 15.32 -3.00 5.82
CA ALA A 304 14.72 -2.02 6.73
C ALA A 304 13.25 -2.32 6.97
N LYS A 305 12.52 -2.66 5.91
CA LYS A 305 11.11 -2.99 6.06
C LYS A 305 10.92 -4.24 6.90
N LEU A 306 11.77 -5.24 6.70
CA LEU A 306 11.69 -6.45 7.53
C LEU A 306 11.98 -6.13 8.99
N GLU A 307 12.96 -5.25 9.22
CA GLU A 307 13.27 -4.85 10.60
C GLU A 307 12.08 -4.15 11.24
N GLU A 308 11.43 -3.25 10.51
CA GLU A 308 10.24 -2.57 11.05
C GLU A 308 9.14 -3.58 11.36
N PHE A 309 8.91 -4.53 10.46
CA PHE A 309 7.87 -5.51 10.68
C PHE A 309 8.16 -6.39 11.89
N PHE A 310 9.42 -6.82 12.03
CA PHE A 310 9.77 -7.65 13.19
C PHE A 310 9.66 -6.87 14.48
N GLN A 311 10.04 -5.58 14.46
CA GLN A 311 9.87 -4.75 15.64
C GLN A 311 8.39 -4.62 16.01
N MET A 312 7.53 -4.45 15.01
CA MET A 312 6.10 -4.40 15.29
C MET A 312 5.59 -5.72 15.83
N GLU A 313 6.07 -6.85 15.30
CA GLU A 313 5.67 -8.15 15.80
C GLU A 313 6.07 -8.34 17.26
N ASP A 314 7.31 -7.96 17.60
CA ASP A 314 7.77 -8.08 18.97
C ASP A 314 7.16 -7.04 19.90
N ALA A 315 6.61 -5.96 19.35
CA ALA A 315 5.98 -4.94 20.17
C ALA A 315 4.64 -5.42 20.75
N THR A 316 4.08 -6.50 20.21
CA THR A 316 2.83 -7.02 20.73
C THR A 316 3.10 -7.75 22.04
N ALA A 317 3.20 -6.98 23.12
CA ALA A 317 3.36 -7.53 24.46
C ALA A 317 2.14 -7.28 25.33
N ASP A 318 0.98 -7.04 24.73
CA ASP A 318 -0.24 -6.73 25.47
C ASP A 318 -0.78 -8.00 26.11
N ARG A 319 -0.22 -8.36 27.26
CA ARG A 319 -0.72 -9.53 27.97
C ARG A 319 -2.14 -9.29 28.46
N GLN A 320 -3.01 -10.26 28.19
CA GLN A 320 -4.41 -10.19 28.57
C GLN A 320 -4.72 -11.11 29.74
N GLU A 321 -3.71 -11.53 30.50
CA GLU A 321 -3.88 -12.51 31.56
C GLU A 321 -4.55 -13.76 30.99
N PRO A 322 -3.83 -14.60 30.24
CA PRO A 322 -4.47 -15.74 29.56
C PRO A 322 -5.32 -16.60 30.47
N GLU A 323 -4.97 -16.71 31.75
CA GLU A 323 -5.83 -17.39 32.72
C GLU A 323 -7.17 -16.69 32.81
N ASN A 324 -8.22 -17.46 33.13
CA ASN A 324 -9.54 -16.86 33.25
C ASN A 324 -9.54 -15.78 34.31
N VAL A 325 -9.76 -14.54 33.91
CA VAL A 325 -9.82 -13.42 34.83
C VAL A 325 -11.29 -13.07 35.03
N ALA A 326 -11.63 -12.68 36.25
CA ALA A 326 -13.02 -12.62 36.68
C ALA A 326 -13.81 -11.62 35.82
N ASP A 327 -14.87 -12.11 35.18
CA ASP A 327 -15.73 -11.26 34.36
C ASP A 327 -16.80 -10.61 35.22
N LEU A 328 -17.77 -9.98 34.58
CA LEU A 328 -18.81 -9.25 35.30
C LEU A 328 -20.18 -9.75 34.87
N ASN A 329 -21.12 -9.66 35.81
CA ASN A 329 -22.51 -10.01 35.53
C ASN A 329 -23.38 -9.29 36.55
N ASP A 330 -24.70 -9.48 36.41
CA ASP A 330 -25.70 -8.79 37.23
C ASP A 330 -25.52 -7.27 37.13
N VAL A 331 -25.31 -6.84 35.88
CA VAL A 331 -24.99 -5.44 35.61
C VAL A 331 -26.29 -4.64 35.65
N LYS A 332 -26.66 -4.17 36.82
CA LYS A 332 -27.80 -3.27 37.00
C LYS A 332 -27.41 -1.81 36.94
N GLY A 333 -26.12 -1.51 37.04
CA GLY A 333 -25.64 -0.14 36.95
C GLY A 333 -25.11 0.38 38.26
N ASP A 334 -23.79 0.36 38.43
CA ASP A 334 -23.09 0.89 39.60
C ASP A 334 -21.73 1.40 39.12
N ILE A 335 -21.66 2.69 38.81
CA ILE A 335 -20.45 3.30 38.29
C ILE A 335 -19.99 4.36 39.28
N VAL A 336 -18.78 4.18 39.81
CA VAL A 336 -18.19 5.14 40.73
C VAL A 336 -16.76 5.41 40.27
N PHE A 337 -16.43 6.68 40.08
CA PHE A 337 -15.06 7.11 39.85
C PHE A 337 -14.44 7.52 41.17
N ASP A 338 -13.19 7.12 41.40
CA ASP A 338 -12.49 7.42 42.64
C ASP A 338 -11.11 8.01 42.31
N ASN A 339 -11.06 9.33 42.16
CA ASN A 339 -9.82 10.09 42.01
C ASN A 339 -8.93 9.54 40.90
N VAL A 340 -9.42 9.59 39.67
CA VAL A 340 -8.70 9.08 38.51
C VAL A 340 -8.44 10.24 37.58
N THR A 341 -7.17 10.55 37.34
CA THR A 341 -6.75 11.64 36.47
C THR A 341 -5.82 11.09 35.40
N TYR A 342 -5.84 11.70 34.21
CA TYR A 342 -5.00 11.23 33.12
C TYR A 342 -4.13 12.36 32.59
N GLU A 343 -2.91 12.02 32.22
CA GLU A 343 -1.95 12.93 31.61
C GLU A 343 -1.56 12.37 30.25
N PHE A 344 -1.75 13.16 29.21
CA PHE A 344 -1.41 12.71 27.87
C PHE A 344 0.11 12.65 27.70
N PRO A 345 0.61 11.83 26.78
CA PRO A 345 2.06 11.76 26.57
C PRO A 345 2.59 13.07 26.00
N ASN A 346 3.58 13.63 26.69
CA ASN A 346 4.24 14.87 26.27
C ASN A 346 3.23 16.01 26.12
N SER A 347 2.24 16.04 27.00
CA SER A 347 1.22 17.08 26.98
C SER A 347 0.69 17.35 28.37
N GLY A 348 -0.45 18.03 28.47
CA GLY A 348 -1.08 18.28 29.74
C GLY A 348 -2.59 18.16 29.64
N GLN A 349 -3.29 19.09 30.27
CA GLN A 349 -4.76 19.19 30.21
C GLN A 349 -5.33 17.89 30.81
N GLY A 350 -6.44 17.39 30.29
CA GLY A 350 -7.07 16.19 30.83
C GLY A 350 -7.93 16.46 32.04
N VAL A 351 -8.30 15.38 32.70
CA VAL A 351 -9.17 15.45 33.87
C VAL A 351 -8.32 15.46 35.13
N TYR A 352 -8.81 16.16 36.16
CA TYR A 352 -8.09 16.28 37.43
C TYR A 352 -9.12 16.34 38.56
N ASP A 353 -8.91 15.51 39.59
CA ASP A 353 -9.73 15.54 40.80
C ASP A 353 -11.22 15.31 40.49
N VAL A 354 -11.57 14.13 40.00
CA VAL A 354 -12.94 13.80 39.65
C VAL A 354 -13.46 12.78 40.65
N SER A 355 -14.67 13.04 41.18
CA SER A 355 -15.28 12.17 42.17
C SER A 355 -16.79 12.30 42.10
N PHE A 356 -17.47 11.23 41.72
CA PHE A 356 -18.92 11.23 41.68
C PHE A 356 -19.44 9.79 41.66
N GLU A 357 -20.69 9.61 42.09
CA GLU A 357 -21.32 8.30 42.17
C GLU A 357 -22.55 8.27 41.28
N VAL A 358 -22.80 7.11 40.67
CA VAL A 358 -23.93 6.90 39.77
C VAL A 358 -24.89 5.92 40.41
N LYS A 359 -26.14 6.35 40.57
CA LYS A 359 -27.21 5.48 41.10
C LYS A 359 -28.03 4.91 39.96
N PRO A 360 -28.27 3.60 39.96
CA PRO A 360 -29.06 3.00 38.87
C PRO A 360 -30.50 3.51 38.88
N GLY A 361 -31.08 3.58 37.68
CA GLY A 361 -32.41 4.09 37.49
C GLY A 361 -32.48 5.54 37.05
N GLN A 362 -31.36 6.25 37.05
CA GLN A 362 -31.31 7.66 36.68
C GLN A 362 -30.26 7.87 35.60
N THR A 363 -30.44 8.94 34.83
CA THR A 363 -29.51 9.33 33.79
C THR A 363 -28.71 10.54 34.23
N VAL A 364 -27.46 10.62 33.76
CA VAL A 364 -26.53 11.67 34.16
C VAL A 364 -26.00 12.32 32.90
N ALA A 365 -26.05 13.65 32.84
CA ALA A 365 -25.64 14.42 31.68
C ALA A 365 -24.40 15.24 32.01
N ILE A 366 -23.39 15.16 31.15
CA ILE A 366 -22.14 15.89 31.32
C ILE A 366 -22.11 17.00 30.29
N VAL A 367 -21.99 18.25 30.77
CA VAL A 367 -21.96 19.41 29.90
C VAL A 367 -20.67 20.18 30.15
N GLY A 368 -20.48 21.29 29.44
CA GLY A 368 -19.33 22.13 29.64
C GLY A 368 -18.68 22.56 28.35
N PRO A 369 -17.80 23.56 28.43
CA PRO A 369 -17.14 24.07 27.23
C PRO A 369 -16.23 23.02 26.62
N THR A 370 -15.91 23.23 25.34
CA THR A 370 -15.12 22.27 24.58
C THR A 370 -13.72 22.15 25.16
N GLY A 371 -13.13 20.96 24.99
CA GLY A 371 -11.79 20.72 25.51
C GLY A 371 -11.73 20.49 27.00
N ALA A 372 -12.88 20.37 27.66
CA ALA A 372 -12.91 20.19 29.10
C ALA A 372 -12.41 18.79 29.49
N GLY A 373 -12.71 17.79 28.66
CA GLY A 373 -12.30 16.43 28.97
C GLY A 373 -13.45 15.45 29.06
N LYS A 374 -14.56 15.76 28.39
CA LYS A 374 -15.73 14.89 28.39
C LYS A 374 -15.53 13.64 27.53
N THR A 375 -14.97 13.79 26.34
CA THR A 375 -14.73 12.62 25.51
C THR A 375 -13.71 11.68 26.14
N THR A 376 -12.63 12.20 26.72
CA THR A 376 -11.66 11.34 27.36
C THR A 376 -12.26 10.68 28.59
N LEU A 377 -13.11 11.39 29.33
CA LEU A 377 -13.82 10.78 30.44
C LEU A 377 -14.68 9.61 29.97
N ILE A 378 -15.42 9.80 28.87
CA ILE A 378 -16.28 8.74 28.37
C ILE A 378 -15.46 7.54 27.94
N ASN A 379 -14.38 7.77 27.18
CA ASN A 379 -13.62 6.64 26.69
C ASN A 379 -12.77 5.99 27.77
N LEU A 380 -12.53 6.66 28.90
CA LEU A 380 -12.01 5.96 30.06
C LEU A 380 -13.08 5.15 30.77
N LEU A 381 -14.33 5.62 30.77
CA LEU A 381 -15.42 4.81 31.28
C LEU A 381 -15.52 3.50 30.52
N GLN A 382 -15.24 3.54 29.21
CA GLN A 382 -15.14 2.33 28.41
C GLN A 382 -13.73 1.74 28.42
N ARG A 383 -12.76 2.42 29.03
CA ARG A 383 -11.40 1.93 29.19
C ARG A 383 -10.73 1.60 27.86
N VAL A 384 -10.62 2.60 26.98
CA VAL A 384 -9.91 2.41 25.72
C VAL A 384 -8.42 2.37 25.99
N PHE A 385 -7.95 3.14 26.96
CA PHE A 385 -6.57 3.10 27.42
C PHE A 385 -6.59 3.14 28.95
N ASP A 386 -5.56 2.58 29.55
CA ASP A 386 -5.55 2.37 30.99
C ASP A 386 -5.26 3.68 31.71
N PRO A 387 -6.05 4.02 32.74
CA PRO A 387 -5.85 5.29 33.43
C PRO A 387 -4.53 5.32 34.20
N ALA A 388 -4.13 6.53 34.56
CA ALA A 388 -2.86 6.73 35.26
C ALA A 388 -2.90 6.18 36.68
N ALA A 389 -3.71 6.78 37.54
CA ALA A 389 -3.72 6.40 38.96
C ALA A 389 -5.13 6.55 39.48
N GLY A 390 -5.79 5.42 39.74
CA GLY A 390 -7.14 5.44 40.27
C GLY A 390 -7.88 4.12 40.10
N ARG A 391 -9.17 4.11 40.42
CA ARG A 391 -10.02 2.93 40.24
C ARG A 391 -11.29 3.31 39.51
N ILE A 392 -11.74 2.43 38.62
CA ILE A 392 -13.03 2.57 37.96
C ILE A 392 -13.91 1.48 38.55
N MET A 393 -14.70 1.84 39.56
CA MET A 393 -15.52 0.90 40.29
C MET A 393 -16.82 0.68 39.53
N ILE A 394 -16.96 -0.50 38.91
CA ILE A 394 -18.17 -0.89 38.23
C ILE A 394 -18.76 -2.08 38.97
N ASP A 395 -20.01 -1.93 39.44
CA ASP A 395 -20.70 -2.96 40.21
C ASP A 395 -19.87 -3.41 41.41
N GLY A 396 -19.24 -2.45 42.08
CA GLY A 396 -18.35 -2.78 43.18
C GLY A 396 -17.13 -3.57 42.77
N THR A 397 -16.74 -3.49 41.50
CA THR A 397 -15.63 -4.26 40.98
C THR A 397 -14.71 -3.34 40.19
N ASP A 398 -13.40 -3.54 40.36
CA ASP A 398 -12.44 -2.76 39.61
C ASP A 398 -12.45 -3.17 38.14
N THR A 399 -12.21 -2.19 37.26
CA THR A 399 -12.20 -2.46 35.84
C THR A 399 -10.96 -3.21 35.38
N ARG A 400 -9.90 -3.23 36.19
CA ARG A 400 -8.68 -3.94 35.81
C ARG A 400 -8.87 -5.45 35.82
N THR A 401 -9.63 -5.96 36.78
CA THR A 401 -9.78 -7.39 36.97
C THR A 401 -10.82 -8.02 36.07
N VAL A 402 -11.49 -7.24 35.24
CA VAL A 402 -12.49 -7.78 34.31
C VAL A 402 -11.87 -7.83 32.92
N SER A 403 -12.04 -8.97 32.25
CA SER A 403 -11.51 -9.13 30.90
C SER A 403 -12.19 -8.16 29.94
N ARG A 404 -11.43 -7.71 28.94
CA ARG A 404 -11.94 -6.77 27.97
C ARG A 404 -13.05 -7.34 27.09
N ARG A 405 -13.12 -8.66 26.95
CA ARG A 405 -14.12 -9.26 26.08
C ARG A 405 -15.52 -9.00 26.59
N SER A 406 -15.77 -9.26 27.88
CA SER A 406 -17.08 -9.00 28.47
C SER A 406 -17.18 -7.60 29.07
N LEU A 407 -16.08 -6.86 29.18
CA LEU A 407 -16.13 -5.52 29.72
C LEU A 407 -16.98 -4.60 28.87
N ARG A 408 -16.84 -4.68 27.55
CA ARG A 408 -17.55 -3.84 26.61
C ARG A 408 -18.83 -4.48 26.10
N HIS A 409 -19.15 -5.69 26.55
CA HIS A 409 -20.36 -6.35 26.09
C HIS A 409 -21.60 -5.76 26.75
N ALA A 410 -21.42 -5.02 27.84
CA ALA A 410 -22.55 -4.39 28.51
C ALA A 410 -22.47 -2.87 28.40
N ILE A 411 -21.96 -2.39 27.26
CA ILE A 411 -21.82 -0.96 27.02
C ILE A 411 -22.30 -0.63 25.62
N ALA A 412 -22.67 0.64 25.42
CA ALA A 412 -23.17 1.11 24.13
C ALA A 412 -22.78 2.59 24.00
N THR A 413 -21.70 2.84 23.26
CA THR A 413 -21.13 4.17 23.10
C THR A 413 -21.16 4.55 21.63
N VAL A 414 -21.92 5.59 21.30
CA VAL A 414 -21.78 6.20 19.97
C VAL A 414 -20.63 7.19 19.98
N PHE A 415 -19.78 7.06 18.97
CA PHE A 415 -18.54 7.84 18.90
C PHE A 415 -18.84 9.25 18.39
N GLN A 416 -17.88 10.14 18.62
CA GLN A 416 -17.93 11.49 18.08
C GLN A 416 -17.92 11.41 16.56
N ASP A 417 -17.03 10.59 16.02
CA ASP A 417 -17.02 10.27 14.60
C ASP A 417 -17.73 8.95 14.35
N ALA A 418 -18.91 9.00 13.74
CA ALA A 418 -19.67 7.79 13.47
C ALA A 418 -19.05 7.02 12.31
N GLY A 419 -18.15 6.08 12.61
CA GLY A 419 -17.48 5.32 11.58
C GLY A 419 -18.36 4.22 11.02
N LEU A 420 -18.40 4.12 9.69
CA LEU A 420 -19.20 3.11 9.01
C LEU A 420 -18.37 2.39 7.96
N PHE A 421 -18.70 1.12 7.74
CA PHE A 421 -18.05 0.33 6.71
C PHE A 421 -18.75 0.54 5.37
N ASN A 422 -18.09 0.15 4.28
CA ASN A 422 -18.64 0.32 2.94
C ASN A 422 -19.61 -0.79 2.58
N ARG A 423 -20.06 -1.58 3.56
CA ARG A 423 -21.04 -2.63 3.32
C ARG A 423 -22.44 -2.03 3.28
N SER A 424 -23.46 -2.89 3.25
CA SER A 424 -24.83 -2.44 3.15
C SER A 424 -25.28 -1.79 4.45
N VAL A 425 -26.43 -1.12 4.38
CA VAL A 425 -27.03 -0.56 5.59
C VAL A 425 -27.38 -1.67 6.57
N GLU A 426 -27.95 -2.76 6.08
CA GLU A 426 -28.30 -3.88 6.94
C GLU A 426 -27.05 -4.48 7.57
N ASP A 427 -25.98 -4.66 6.78
CA ASP A 427 -24.76 -5.22 7.35
C ASP A 427 -24.08 -4.24 8.31
N ASN A 428 -24.23 -2.94 8.08
CA ASN A 428 -23.61 -1.97 8.96
C ASN A 428 -24.38 -1.80 10.26
N ILE A 429 -25.68 -2.03 10.25
CA ILE A 429 -26.47 -1.92 11.48
C ILE A 429 -26.49 -3.23 12.25
N ARG A 430 -26.74 -4.34 11.57
CA ARG A 430 -26.81 -5.66 12.20
C ARG A 430 -25.39 -6.12 12.50
N VAL A 431 -24.82 -5.54 13.55
CA VAL A 431 -23.50 -5.93 14.03
C VAL A 431 -23.48 -6.27 15.51
N GLY A 432 -24.52 -5.93 16.26
CA GLY A 432 -24.56 -6.23 17.68
C GLY A 432 -25.20 -7.58 17.95
N ARG A 433 -26.15 -7.98 17.10
CA ARG A 433 -26.79 -9.29 17.19
C ARG A 433 -26.83 -9.88 15.78
N ALA A 434 -25.87 -10.75 15.49
CA ALA A 434 -25.80 -11.41 14.18
C ALA A 434 -26.95 -12.41 13.98
N ASN A 435 -27.42 -13.04 15.05
CA ASN A 435 -28.53 -13.98 14.99
C ASN A 435 -29.88 -13.30 15.20
N ALA A 436 -29.95 -11.99 14.95
CA ALA A 436 -31.19 -11.25 15.14
C ALA A 436 -32.12 -11.46 13.95
N THR A 437 -33.22 -10.71 13.91
CA THR A 437 -34.21 -10.86 12.85
C THR A 437 -34.56 -9.49 12.31
N HIS A 438 -35.09 -9.45 11.09
CA HIS A 438 -35.45 -8.19 10.43
C HIS A 438 -36.54 -7.43 11.15
N GLU A 439 -37.41 -8.09 11.92
CA GLU A 439 -38.39 -7.36 12.71
C GLU A 439 -37.69 -6.47 13.74
N GLU A 440 -36.70 -7.02 14.44
CA GLU A 440 -35.95 -6.23 15.42
C GLU A 440 -35.21 -5.09 14.74
N VAL A 441 -34.60 -5.35 13.58
CA VAL A 441 -33.85 -4.31 12.88
C VAL A 441 -34.79 -3.19 12.45
N HIS A 442 -35.96 -3.54 11.92
CA HIS A 442 -36.93 -2.53 11.52
C HIS A 442 -37.41 -1.72 12.70
N ALA A 443 -37.68 -2.39 13.84
CA ALA A 443 -38.12 -1.66 15.02
C ALA A 443 -37.04 -0.69 15.51
N ALA A 444 -35.78 -1.15 15.55
CA ALA A 444 -34.70 -0.28 15.99
C ALA A 444 -34.51 0.90 15.04
N ALA A 445 -34.56 0.66 13.74
CA ALA A 445 -34.39 1.75 12.78
C ALA A 445 -35.52 2.76 12.87
N LYS A 446 -36.77 2.29 13.00
CA LYS A 446 -37.89 3.20 13.10
C LYS A 446 -37.95 3.90 14.45
N ALA A 447 -37.29 3.35 15.47
CA ALA A 447 -37.20 4.04 16.75
C ALA A 447 -36.21 5.20 16.69
N ALA A 448 -35.20 5.11 15.82
CA ALA A 448 -34.18 6.14 15.67
C ALA A 448 -34.41 7.01 14.43
N ALA A 449 -35.56 6.87 13.78
CA ALA A 449 -35.91 7.66 12.60
C ALA A 449 -34.88 7.51 11.49
N ALA A 450 -34.32 6.31 11.37
CA ALA A 450 -33.39 6.01 10.29
C ALA A 450 -34.03 5.06 9.29
N HIS A 451 -35.36 5.11 9.21
CA HIS A 451 -36.12 4.24 8.34
C HIS A 451 -37.02 5.06 7.42
N ASP A 452 -37.48 6.21 7.91
CA ASP A 452 -38.43 7.01 7.16
C ASP A 452 -37.82 7.56 5.88
N PHE A 453 -36.53 7.85 5.87
CA PHE A 453 -35.86 8.39 4.71
C PHE A 453 -35.09 7.33 3.91
N ILE A 454 -35.23 6.06 4.27
CA ILE A 454 -34.49 5.01 3.58
C ILE A 454 -35.44 3.94 3.07
N LEU A 455 -36.70 3.98 3.54
CA LEU A 455 -37.68 3.03 3.04
C LEU A 455 -38.09 3.36 1.61
N ALA A 456 -37.89 4.61 1.18
CA ALA A 456 -38.35 5.08 -0.11
C ALA A 456 -37.20 5.54 -1.00
N LYS A 457 -36.04 4.88 -0.90
CA LYS A 457 -34.94 5.24 -1.76
C LYS A 457 -33.93 4.10 -1.79
N SER A 458 -33.30 3.92 -2.96
CA SER A 458 -32.13 3.05 -3.13
C SER A 458 -32.39 1.64 -2.62
N GLU A 459 -33.40 0.98 -3.20
CA GLU A 459 -33.67 -0.43 -2.92
C GLU A 459 -33.95 -0.69 -1.44
N GLY A 460 -34.56 0.29 -0.79
CA GLY A 460 -34.84 0.18 0.63
C GLY A 460 -33.59 0.06 1.48
N TYR A 461 -33.56 -0.93 2.38
CA TYR A 461 -32.44 -1.12 3.27
C TYR A 461 -31.16 -1.54 2.56
N ASP A 462 -31.27 -2.21 1.41
CA ASP A 462 -30.09 -2.70 0.70
C ASP A 462 -29.47 -1.57 -0.12
N THR A 463 -28.73 -0.71 0.58
CA THR A 463 -28.04 0.41 -0.04
C THR A 463 -26.57 0.34 0.35
N PHE A 464 -25.69 0.32 -0.64
CA PHE A 464 -24.25 0.18 -0.41
C PHE A 464 -23.65 1.57 -0.21
N VAL A 465 -23.44 1.94 1.05
CA VAL A 465 -22.74 3.18 1.36
C VAL A 465 -21.27 2.99 1.02
N GLY A 466 -20.57 4.08 0.75
CA GLY A 466 -19.15 4.06 0.51
C GLY A 466 -18.38 4.13 1.81
N GLU A 467 -17.13 4.54 1.72
CA GLU A 467 -16.30 4.72 2.90
C GLU A 467 -16.82 5.90 3.71
N ARG A 468 -16.99 5.67 5.02
CA ARG A 468 -17.47 6.70 5.94
C ARG A 468 -18.82 7.27 5.51
N GLY A 469 -19.63 6.45 4.83
CA GLY A 469 -20.93 6.90 4.38
C GLY A 469 -20.86 8.06 3.41
N SER A 470 -19.88 8.04 2.52
CA SER A 470 -19.66 9.12 1.57
C SER A 470 -20.55 9.01 0.34
N GLN A 471 -21.63 8.24 0.42
CA GLN A 471 -22.55 8.11 -0.70
C GLN A 471 -23.99 8.45 -0.36
N LEU A 472 -24.32 8.66 0.92
CA LEU A 472 -25.69 9.00 1.33
C LEU A 472 -25.68 10.26 2.20
N SER A 473 -24.75 11.15 1.89
CA SER A 473 -24.57 12.45 2.59
C SER A 473 -24.06 12.15 4.00
N GLY A 474 -24.35 13.02 4.96
CA GLY A 474 -23.80 12.87 6.30
C GLY A 474 -24.79 13.15 7.40
N GLY A 475 -26.04 13.42 7.04
CA GLY A 475 -27.07 13.62 8.03
C GLY A 475 -27.72 12.31 8.44
N GLU A 476 -27.19 11.20 7.92
CA GLU A 476 -27.71 9.88 8.23
C GLU A 476 -26.76 9.05 9.07
N ARG A 477 -25.48 9.39 9.12
CA ARG A 477 -24.54 8.59 9.89
C ARG A 477 -24.87 8.62 11.37
N GLN A 478 -25.26 9.79 11.88
CA GLN A 478 -25.67 9.87 13.27
C GLN A 478 -26.91 9.00 13.54
N ARG A 479 -27.88 9.04 12.63
CA ARG A 479 -29.08 8.23 12.80
C ARG A 479 -28.74 6.76 12.78
N LEU A 480 -27.86 6.33 11.87
CA LEU A 480 -27.47 4.93 11.81
C LEU A 480 -26.71 4.52 13.07
N ALA A 481 -25.83 5.38 13.56
CA ALA A 481 -25.08 5.05 14.77
C ALA A 481 -26.02 4.90 15.96
N ILE A 482 -26.97 5.82 16.13
CA ILE A 482 -27.88 5.70 17.26
C ILE A 482 -28.80 4.51 17.09
N ALA A 483 -29.22 4.19 15.86
CA ALA A 483 -30.01 3.00 15.64
C ALA A 483 -29.24 1.75 16.01
N ARG A 484 -27.96 1.68 15.63
CA ARG A 484 -27.14 0.53 15.97
C ARG A 484 -26.95 0.42 17.48
N ALA A 485 -26.76 1.56 18.15
CA ALA A 485 -26.64 1.54 19.61
C ALA A 485 -27.91 1.02 20.25
N ILE A 486 -29.07 1.46 19.77
CA ILE A 486 -30.33 0.96 20.31
C ILE A 486 -30.48 -0.52 20.02
N LEU A 487 -30.02 -0.96 18.85
CA LEU A 487 -30.07 -2.37 18.49
C LEU A 487 -29.21 -3.22 19.43
N LYS A 488 -28.06 -2.71 19.86
CA LYS A 488 -27.18 -3.48 20.73
C LYS A 488 -27.85 -3.82 22.05
N ASP A 489 -28.64 -2.90 22.61
CA ASP A 489 -29.39 -3.15 23.84
C ASP A 489 -28.50 -3.53 25.01
N SER A 490 -27.62 -2.62 25.42
CA SER A 490 -26.76 -2.84 26.56
C SER A 490 -27.25 -2.05 27.77
N PRO A 491 -26.98 -2.51 29.00
CA PRO A 491 -27.52 -1.82 30.18
C PRO A 491 -27.05 -0.38 30.32
N ILE A 492 -25.84 -0.06 29.85
CA ILE A 492 -25.33 1.30 29.98
C ILE A 492 -25.19 1.93 28.60
N LEU A 493 -26.05 2.90 28.32
CA LEU A 493 -26.04 3.59 27.04
C LEU A 493 -25.24 4.88 27.16
N VAL A 494 -24.41 5.15 26.16
CA VAL A 494 -23.59 6.36 26.13
C VAL A 494 -23.89 7.12 24.85
N LEU A 495 -24.56 8.26 24.97
CA LEU A 495 -24.90 9.10 23.83
C LEU A 495 -23.86 10.20 23.70
N ASP A 496 -22.67 9.81 23.26
CA ASP A 496 -21.57 10.76 23.10
C ASP A 496 -21.72 11.47 21.77
N GLU A 497 -22.11 12.75 21.81
CA GLU A 497 -22.31 13.56 20.62
C GLU A 497 -23.32 12.92 19.67
N ALA A 498 -24.32 12.25 20.25
CA ALA A 498 -25.39 11.67 19.45
C ALA A 498 -26.38 12.71 18.94
N THR A 499 -26.44 13.88 19.59
CA THR A 499 -27.28 14.98 19.15
C THR A 499 -26.38 16.04 18.54
N SER A 500 -26.69 16.44 17.31
CA SER A 500 -25.89 17.41 16.58
C SER A 500 -26.80 18.35 15.81
N ALA A 501 -26.25 19.10 14.86
CA ALA A 501 -27.03 20.05 14.07
C ALA A 501 -28.00 19.27 13.20
N LEU A 502 -29.15 18.97 13.77
CA LEU A 502 -30.26 18.33 13.08
C LEU A 502 -31.54 19.11 13.37
N ASP A 503 -32.62 18.70 12.69
CA ASP A 503 -33.89 19.38 12.87
C ASP A 503 -34.37 19.28 14.31
N VAL A 504 -35.00 20.37 14.77
CA VAL A 504 -35.48 20.40 16.15
C VAL A 504 -36.58 19.35 16.36
N GLU A 505 -37.43 19.16 15.34
CA GLU A 505 -38.45 18.11 15.45
C GLU A 505 -37.81 16.73 15.49
N THR A 506 -36.83 16.48 14.62
CA THR A 506 -36.13 15.20 14.64
C THR A 506 -35.40 15.02 15.96
N GLU A 507 -34.76 16.07 16.47
CA GLU A 507 -34.05 15.98 17.73
C GLU A 507 -34.99 15.63 18.88
N GLU A 508 -36.14 16.31 18.95
CA GLU A 508 -37.06 16.04 20.06
C GLU A 508 -37.66 14.64 19.95
N LYS A 509 -37.94 14.19 18.73
CA LYS A 509 -38.43 12.83 18.54
C LYS A 509 -37.39 11.81 18.99
N VAL A 510 -36.12 12.03 18.60
CA VAL A 510 -35.06 11.11 19.00
C VAL A 510 -34.90 11.10 20.51
N THR A 511 -34.96 12.27 21.13
CA THR A 511 -34.81 12.34 22.59
C THR A 511 -35.92 11.59 23.29
N GLN A 512 -37.17 11.81 22.88
CA GLN A 512 -38.26 11.10 23.55
C GLN A 512 -38.17 9.60 23.32
N ALA A 513 -37.79 9.18 22.10
CA ALA A 513 -37.68 7.75 21.83
C ALA A 513 -36.58 7.11 22.67
N VAL A 514 -35.42 7.74 22.75
CA VAL A 514 -34.33 7.15 23.53
C VAL A 514 -34.66 7.19 25.02
N ASP A 515 -35.39 8.22 25.47
CA ASP A 515 -35.83 8.25 26.86
C ASP A 515 -36.75 7.08 27.17
N GLU A 516 -37.71 6.82 26.29
CA GLU A 516 -38.62 5.70 26.50
C GLU A 516 -37.89 4.35 26.44
N LEU A 517 -36.89 4.23 25.56
CA LEU A 517 -36.13 2.99 25.50
C LEU A 517 -35.25 2.79 26.74
N SER A 518 -34.65 3.86 27.25
CA SER A 518 -33.66 3.76 28.31
C SER A 518 -34.26 3.99 29.70
N HIS A 519 -35.58 4.16 29.80
CA HIS A 519 -36.20 4.26 31.12
C HIS A 519 -35.87 3.08 32.02
N ASN A 520 -35.62 1.92 31.45
CA ASN A 520 -35.31 0.72 32.23
C ASN A 520 -33.82 0.57 32.52
N ARG A 521 -33.01 1.57 32.19
CA ARG A 521 -31.57 1.47 32.40
C ARG A 521 -31.03 2.86 32.72
N THR A 522 -29.72 3.02 32.67
CA THR A 522 -29.05 4.29 32.87
C THR A 522 -28.29 4.67 31.61
N THR A 523 -28.21 5.97 31.34
CA THR A 523 -27.59 6.45 30.12
C THR A 523 -26.99 7.83 30.36
N PHE A 524 -26.06 8.20 29.46
CA PHE A 524 -25.31 9.45 29.56
C PHE A 524 -25.63 10.34 28.36
N ILE A 525 -25.54 11.65 28.57
CA ILE A 525 -25.76 12.64 27.53
C ILE A 525 -24.52 13.53 27.47
N ILE A 526 -23.85 13.54 26.32
CA ILE A 526 -22.70 14.40 26.08
C ILE A 526 -23.10 15.36 24.98
N ALA A 527 -23.66 16.51 25.36
CA ALA A 527 -24.11 17.49 24.40
C ALA A 527 -24.12 18.86 25.05
N HIS A 528 -23.88 19.89 24.23
CA HIS A 528 -23.88 21.27 24.70
C HIS A 528 -25.23 21.95 24.55
N ARG A 529 -26.10 21.47 23.66
CA ARG A 529 -27.44 22.02 23.56
C ARG A 529 -28.19 21.74 24.85
N LEU A 530 -28.87 22.77 25.36
CA LEU A 530 -29.61 22.63 26.61
C LEU A 530 -31.00 22.03 26.42
N SER A 531 -31.40 21.75 25.19
CA SER A 531 -32.71 21.16 24.93
C SER A 531 -32.72 19.64 25.05
N THR A 532 -31.56 19.00 25.12
CA THR A 532 -31.48 17.54 25.16
C THR A 532 -31.33 17.00 26.58
N VAL A 533 -31.44 17.85 27.59
CA VAL A 533 -31.26 17.43 28.97
C VAL A 533 -32.44 17.86 29.84
N ARG A 534 -33.59 18.11 29.23
CA ARG A 534 -34.78 18.47 30.02
C ARG A 534 -35.26 17.30 30.85
N SER A 535 -35.03 16.07 30.39
CA SER A 535 -35.44 14.87 31.10
C SER A 535 -34.34 14.29 31.96
N ALA A 536 -33.19 14.96 32.06
CA ALA A 536 -32.10 14.48 32.88
C ALA A 536 -32.45 14.57 34.35
N ASP A 537 -31.82 13.71 35.15
CA ASP A 537 -32.08 13.67 36.59
C ASP A 537 -30.89 14.10 37.43
N LEU A 538 -29.65 13.96 36.92
CA LEU A 538 -28.44 14.33 37.65
C LEU A 538 -27.47 14.95 36.65
N VAL A 539 -27.43 16.28 36.62
CA VAL A 539 -26.57 17.00 35.69
C VAL A 539 -25.35 17.52 36.43
N LEU A 540 -24.21 17.48 35.77
CA LEU A 540 -22.98 18.04 36.31
C LEU A 540 -22.21 18.68 35.16
N PHE A 541 -21.48 19.75 35.47
CA PHE A 541 -20.71 20.48 34.48
C PHE A 541 -19.24 20.42 34.83
N MET A 542 -18.42 20.06 33.84
CA MET A 542 -16.99 19.85 34.05
C MET A 542 -16.21 20.75 33.11
N ASP A 543 -15.22 21.45 33.66
CA ASP A 543 -14.44 22.43 32.91
C ASP A 543 -12.95 22.21 33.15
N LYS A 544 -12.19 22.12 32.06
CA LYS A 544 -10.73 21.92 32.11
C LYS A 544 -10.35 20.67 32.90
N GLY A 545 -11.27 19.71 33.01
CA GLY A 545 -11.02 18.55 33.82
C GLY A 545 -11.15 18.77 35.31
N HIS A 546 -11.62 19.94 35.73
CA HIS A 546 -11.87 20.24 37.13
C HIS A 546 -13.34 20.57 37.32
N LEU A 547 -13.98 19.89 38.26
CA LEU A 547 -15.37 20.19 38.57
C LEU A 547 -15.46 21.48 39.38
N VAL A 548 -16.68 21.99 39.51
CA VAL A 548 -16.94 23.17 40.33
C VAL A 548 -17.97 22.83 41.40
N GLU A 549 -19.16 22.43 40.97
CA GLU A 549 -20.22 22.07 41.90
C GLU A 549 -20.64 20.62 41.78
N SER A 550 -20.95 20.16 40.56
CA SER A 550 -21.43 18.80 40.32
C SER A 550 -22.68 18.50 41.15
N GLY A 551 -23.63 19.43 41.08
CA GLY A 551 -24.84 19.38 41.88
C GLY A 551 -25.92 18.51 41.26
N SER A 552 -27.16 18.77 41.66
CA SER A 552 -28.30 17.98 41.22
C SER A 552 -28.85 18.48 39.89
N PHE A 553 -30.03 18.00 39.50
CA PHE A 553 -30.62 18.41 38.23
C PHE A 553 -30.92 19.90 38.20
N ASN A 554 -31.43 20.45 39.30
CA ASN A 554 -31.80 21.86 39.39
C ASN A 554 -30.66 22.61 40.08
N GLU A 555 -29.98 23.46 39.32
CA GLU A 555 -28.88 24.25 39.85
C GLU A 555 -28.90 25.64 39.22
N LEU A 556 -28.23 26.58 39.88
CA LEU A 556 -28.17 27.95 39.39
C LEU A 556 -26.95 28.15 38.48
N MET B 1 -3.98 -11.58 -26.05
CA MET B 1 -2.57 -11.32 -26.33
C MET B 1 -2.26 -9.83 -26.22
N SER B 2 -2.45 -9.28 -25.03
CA SER B 2 -2.19 -7.87 -24.75
C SER B 2 -0.76 -7.63 -24.26
N LEU B 3 0.09 -8.67 -24.28
CA LEU B 3 1.46 -8.52 -23.82
C LEU B 3 2.21 -7.48 -24.64
N LEU B 4 2.04 -7.51 -25.96
CA LEU B 4 2.72 -6.53 -26.81
C LEU B 4 2.21 -5.12 -26.54
N LYS B 5 0.91 -4.97 -26.30
CA LYS B 5 0.37 -3.66 -25.94
C LYS B 5 0.97 -3.16 -24.64
N ILE B 6 1.09 -4.04 -23.64
CA ILE B 6 1.69 -3.66 -22.37
C ILE B 6 3.13 -3.22 -22.58
N TYR B 7 3.87 -3.94 -23.41
CA TYR B 7 5.27 -3.58 -23.63
C TYR B 7 5.39 -2.26 -24.40
N TRP B 8 4.51 -2.02 -25.36
CA TRP B 8 4.50 -0.71 -26.02
C TRP B 8 4.23 0.41 -25.02
N ARG B 9 3.28 0.20 -24.11
CA ARG B 9 3.01 1.24 -23.12
C ARG B 9 4.20 1.45 -22.20
N ALA B 10 4.86 0.36 -21.80
CA ALA B 10 6.05 0.47 -20.96
C ALA B 10 7.15 1.25 -21.66
N MET B 11 7.39 0.96 -22.94
CA MET B 11 8.42 1.69 -23.66
C MET B 11 8.03 3.14 -23.91
N GLN B 12 6.74 3.41 -24.11
CA GLN B 12 6.29 4.80 -24.23
C GLN B 12 6.57 5.57 -22.95
N TYR B 13 6.31 4.99 -21.79
CA TYR B 13 6.68 5.65 -20.55
C TYR B 13 8.19 5.74 -20.38
N LEU B 14 8.94 4.78 -20.91
CA LEU B 14 10.39 4.80 -20.75
C LEU B 14 11.09 5.64 -21.80
N ALA B 15 10.40 5.99 -22.88
CA ALA B 15 10.99 6.81 -23.95
C ALA B 15 10.84 8.27 -23.57
N VAL B 16 11.64 8.71 -22.60
CA VAL B 16 11.66 10.12 -22.21
C VAL B 16 13.09 10.63 -22.34
N GLU B 17 14.01 10.01 -21.61
CA GLU B 17 15.43 10.31 -21.73
C GLU B 17 15.95 9.70 -23.02
N ARG B 18 15.82 10.44 -24.13
CA ARG B 18 16.25 9.92 -25.42
C ARG B 18 17.74 9.62 -25.42
N THR B 19 18.54 10.54 -24.88
CA THR B 19 19.99 10.33 -24.85
C THR B 19 20.36 9.12 -24.01
N ALA B 20 19.84 9.04 -22.78
CA ALA B 20 20.18 7.94 -21.90
C ALA B 20 19.68 6.61 -22.46
N THR B 21 18.46 6.59 -22.99
CA THR B 21 17.91 5.35 -23.55
C THR B 21 18.72 4.89 -24.74
N ILE B 22 19.10 5.81 -25.63
CA ILE B 22 19.88 5.44 -26.80
C ILE B 22 21.25 4.91 -26.39
N THR B 23 21.88 5.57 -25.41
CA THR B 23 23.18 5.08 -24.93
C THR B 23 23.05 3.69 -24.31
N MET B 24 21.98 3.46 -23.54
CA MET B 24 21.77 2.15 -22.94
C MET B 24 21.56 1.08 -24.01
N CYS B 25 20.78 1.40 -25.04
CA CYS B 25 20.55 0.42 -26.11
C CYS B 25 21.83 0.12 -26.86
N VAL B 26 22.64 1.14 -27.12
CA VAL B 26 23.92 0.91 -27.80
C VAL B 26 24.83 0.03 -26.95
N ALA B 27 24.89 0.32 -25.64
CA ALA B 27 25.69 -0.50 -24.75
C ALA B 27 25.20 -1.94 -24.73
N SER B 28 23.87 -2.13 -24.71
CA SER B 28 23.32 -3.47 -24.69
C SER B 28 23.66 -4.23 -25.96
N VAL B 29 23.54 -3.59 -27.12
CA VAL B 29 23.83 -4.32 -28.35
C VAL B 29 25.33 -4.63 -28.45
N LEU B 30 26.19 -3.71 -28.00
CA LEU B 30 27.62 -3.99 -28.01
C LEU B 30 27.97 -5.14 -27.08
N VAL B 31 27.40 -5.15 -25.87
CA VAL B 31 27.73 -6.22 -24.94
C VAL B 31 27.18 -7.55 -25.43
N ALA B 32 26.00 -7.54 -26.08
CA ALA B 32 25.49 -8.78 -26.64
C ALA B 32 26.39 -9.29 -27.76
N LEU B 33 26.87 -8.39 -28.61
CA LEU B 33 27.80 -8.80 -29.66
C LEU B 33 29.07 -9.38 -29.08
N VAL B 34 29.59 -8.76 -28.02
CA VAL B 34 30.80 -9.27 -27.38
C VAL B 34 30.56 -10.64 -26.78
N THR B 35 29.43 -10.82 -26.10
CA THR B 35 29.15 -12.11 -25.48
C THR B 35 28.94 -13.20 -26.52
N LEU B 36 28.42 -12.85 -27.70
CA LEU B 36 28.29 -13.84 -28.75
C LEU B 36 29.64 -14.17 -29.40
N ALA B 37 30.47 -13.15 -29.60
CA ALA B 37 31.75 -13.37 -30.26
C ALA B 37 32.78 -14.04 -29.36
N GLU B 38 32.61 -13.96 -28.04
CA GLU B 38 33.58 -14.57 -27.13
C GLU B 38 33.72 -16.07 -27.33
N PRO B 39 32.65 -16.86 -27.41
CA PRO B 39 32.83 -18.30 -27.71
C PRO B 39 33.45 -18.55 -29.06
N VAL B 40 33.19 -17.70 -30.04
CA VAL B 40 33.80 -17.87 -31.36
C VAL B 40 35.31 -17.73 -31.25
N LEU B 41 35.77 -16.70 -30.54
CA LEU B 41 37.20 -16.52 -30.31
C LEU B 41 37.78 -17.66 -29.47
N PHE B 42 37.00 -18.18 -28.52
CA PHE B 42 37.46 -19.30 -27.72
C PHE B 42 37.68 -20.53 -28.59
N GLY B 43 36.75 -20.78 -29.53
CA GLY B 43 36.98 -21.85 -30.49
C GLY B 43 38.18 -21.60 -31.38
N ARG B 44 38.36 -20.35 -31.83
CA ARG B 44 39.55 -19.99 -32.59
C ARG B 44 40.82 -20.38 -31.84
N VAL B 45 40.93 -19.95 -30.59
CA VAL B 45 42.14 -20.19 -29.82
C VAL B 45 42.30 -21.65 -29.45
N ILE B 46 41.20 -22.38 -29.24
CA ILE B 46 41.32 -23.81 -28.98
C ILE B 46 41.86 -24.53 -30.21
N GLN B 47 41.35 -24.19 -31.39
CA GLN B 47 41.90 -24.75 -32.62
C GLN B 47 43.33 -24.30 -32.87
N SER B 48 43.73 -23.15 -32.31
CA SER B 48 45.05 -22.62 -32.55
C SER B 48 46.16 -23.53 -32.07
N ILE B 49 45.94 -24.27 -30.97
CA ILE B 49 46.98 -25.13 -30.41
C ILE B 49 47.27 -26.33 -31.31
N SER B 50 46.39 -26.65 -32.24
CA SER B 50 46.66 -27.74 -33.18
C SER B 50 47.83 -27.43 -34.10
N ASP B 51 47.96 -26.19 -34.55
CA ASP B 51 49.07 -25.80 -35.39
C ASP B 51 50.23 -25.28 -34.54
N LYS B 52 51.25 -24.72 -35.18
CA LYS B 52 52.39 -24.16 -34.45
C LYS B 52 52.73 -22.81 -35.05
N GLY B 53 53.00 -21.85 -34.18
CA GLY B 53 53.35 -20.51 -34.60
C GLY B 53 52.94 -19.50 -33.55
N ASP B 54 53.25 -18.24 -33.85
CA ASP B 54 52.91 -17.13 -32.96
C ASP B 54 51.41 -16.86 -33.07
N ILE B 55 50.63 -17.69 -32.37
CA ILE B 55 49.18 -17.56 -32.37
C ILE B 55 48.76 -17.12 -30.97
N PHE B 56 49.66 -16.40 -30.29
CA PHE B 56 49.35 -15.81 -29.00
C PHE B 56 48.43 -14.61 -29.10
N SER B 57 48.44 -13.92 -30.24
CA SER B 57 47.59 -12.74 -30.41
C SER B 57 46.10 -13.04 -30.26
N PRO B 58 45.53 -14.11 -30.82
CA PRO B 58 44.11 -14.37 -30.58
C PRO B 58 43.74 -14.50 -29.11
N LEU B 59 44.61 -15.09 -28.29
CA LEU B 59 44.35 -15.17 -26.86
C LEU B 59 44.34 -13.76 -26.25
N LEU B 60 45.25 -12.90 -26.71
CA LEU B 60 45.25 -11.52 -26.25
C LEU B 60 43.96 -10.81 -26.63
N MET B 61 43.47 -11.05 -27.85
CA MET B 61 42.21 -10.47 -28.27
C MET B 61 41.06 -10.98 -27.41
N TRP B 62 41.07 -12.27 -27.09
CA TRP B 62 40.04 -12.83 -26.22
C TRP B 62 40.06 -12.19 -24.84
N ALA B 63 41.26 -12.00 -24.27
CA ALA B 63 41.37 -11.35 -22.98
C ALA B 63 40.87 -9.91 -23.03
N ALA B 64 41.21 -9.19 -24.12
CA ALA B 64 40.74 -7.82 -24.27
C ALA B 64 39.22 -7.77 -24.37
N LEU B 65 38.63 -8.71 -25.11
CA LEU B 65 37.17 -8.78 -25.19
C LEU B 65 36.56 -9.09 -23.83
N GLY B 66 37.20 -9.94 -23.03
CA GLY B 66 36.72 -10.20 -21.69
C GLY B 66 36.73 -8.95 -20.82
N GLY B 67 37.83 -8.20 -20.86
CA GLY B 67 37.89 -6.96 -20.11
C GLY B 67 36.86 -5.95 -20.58
N PHE B 68 36.67 -5.87 -21.90
CA PHE B 68 35.64 -5.00 -22.45
C PHE B 68 34.25 -5.43 -21.97
N ASN B 69 34.02 -6.74 -21.89
CA ASN B 69 32.75 -7.24 -21.36
C ASN B 69 32.56 -6.82 -19.92
N ILE B 70 33.63 -6.89 -19.12
CA ILE B 70 33.54 -6.47 -17.72
C ILE B 70 33.16 -4.99 -17.63
N MET B 71 33.86 -4.15 -18.40
CA MET B 71 33.61 -2.72 -18.36
C MET B 71 32.19 -2.40 -18.84
N ALA B 72 31.76 -3.06 -19.91
CA ALA B 72 30.40 -2.86 -20.40
C ALA B 72 29.37 -3.31 -19.38
N ALA B 73 29.64 -4.41 -18.67
CA ALA B 73 28.71 -4.86 -17.63
C ALA B 73 28.57 -3.82 -16.54
N VAL B 74 29.70 -3.25 -16.11
CA VAL B 74 29.65 -2.21 -15.09
C VAL B 74 28.82 -1.03 -15.59
N PHE B 75 29.10 -0.57 -16.81
CA PHE B 75 28.41 0.62 -17.33
C PHE B 75 26.92 0.36 -17.50
N VAL B 76 26.55 -0.81 -18.03
CA VAL B 76 25.14 -1.09 -18.26
C VAL B 76 24.41 -1.23 -16.93
N ALA B 77 25.02 -1.88 -15.93
CA ALA B 77 24.38 -1.98 -14.63
C ALA B 77 24.13 -0.59 -14.05
N ARG B 78 25.17 0.25 -14.03
CA ARG B 78 25.03 1.59 -13.47
C ARG B 78 23.97 2.39 -14.21
N GLY B 79 24.07 2.45 -15.54
CA GLY B 79 23.14 3.27 -16.30
C GLY B 79 21.71 2.77 -16.23
N ALA B 80 21.52 1.45 -16.32
CA ALA B 80 20.18 0.89 -16.25
C ALA B 80 19.55 1.17 -14.89
N ASP B 81 20.31 1.00 -13.81
CA ASP B 81 19.74 1.26 -12.49
C ASP B 81 19.37 2.73 -12.33
N ARG B 82 20.28 3.62 -12.76
CA ARG B 82 20.01 5.05 -12.63
C ARG B 82 18.80 5.46 -13.45
N LEU B 83 18.71 4.99 -14.70
CA LEU B 83 17.58 5.30 -15.55
C LEU B 83 16.29 4.76 -14.97
N ALA B 84 16.32 3.54 -14.42
CA ALA B 84 15.13 2.97 -13.84
C ALA B 84 14.64 3.81 -12.67
N HIS B 85 15.54 4.21 -11.77
CA HIS B 85 15.10 5.04 -10.65
C HIS B 85 14.55 6.37 -11.13
N ARG B 86 15.24 7.03 -12.05
CA ARG B 86 14.79 8.34 -12.51
C ARG B 86 13.41 8.25 -13.15
N ARG B 87 13.20 7.24 -14.01
CA ARG B 87 11.92 7.12 -14.69
C ARG B 87 10.83 6.69 -13.73
N ARG B 88 11.15 5.85 -12.73
CA ARG B 88 10.16 5.50 -11.73
C ARG B 88 9.69 6.74 -10.97
N LEU B 89 10.64 7.58 -10.56
CA LEU B 89 10.27 8.81 -9.86
C LEU B 89 9.43 9.72 -10.74
N GLY B 90 9.82 9.87 -12.01
CA GLY B 90 9.05 10.74 -12.90
C GLY B 90 7.64 10.24 -13.12
N VAL B 91 7.49 8.93 -13.32
CA VAL B 91 6.17 8.34 -13.51
C VAL B 91 5.32 8.54 -12.27
N MET B 92 5.91 8.31 -11.09
CA MET B 92 5.17 8.54 -9.85
C MET B 92 4.74 10.00 -9.73
N ILE B 93 5.63 10.92 -10.10
CA ILE B 93 5.30 12.34 -10.03
C ILE B 93 4.09 12.66 -10.89
N ASP B 94 4.12 12.24 -12.15
CA ASP B 94 3.06 12.61 -13.07
C ASP B 94 1.74 11.91 -12.71
N SER B 95 1.82 10.65 -12.31
CA SER B 95 0.63 9.93 -11.89
C SER B 95 0.00 10.57 -10.66
N TYR B 96 0.83 10.97 -9.69
CA TYR B 96 0.31 11.65 -8.52
C TYR B 96 -0.36 12.97 -8.90
N GLU B 97 0.25 13.70 -9.85
CA GLU B 97 -0.35 14.95 -10.29
C GLU B 97 -1.75 14.72 -10.87
N ARG B 98 -1.88 13.76 -11.79
CA ARG B 98 -3.21 13.50 -12.34
C ARG B 98 -4.16 12.97 -11.27
N LEU B 99 -3.67 12.15 -10.34
CA LEU B 99 -4.54 11.58 -9.32
C LEU B 99 -5.14 12.65 -8.43
N ILE B 100 -4.32 13.62 -8.01
CA ILE B 100 -4.89 14.72 -7.23
C ILE B 100 -5.68 15.67 -8.11
N THR B 101 -5.45 15.65 -9.42
CA THR B 101 -6.25 16.46 -10.34
C THR B 101 -7.68 15.95 -10.46
N MET B 102 -7.93 14.69 -10.11
CA MET B 102 -9.23 14.07 -10.34
C MET B 102 -10.32 14.78 -9.55
N PRO B 103 -11.57 14.73 -10.03
CA PRO B 103 -12.67 15.38 -9.30
C PRO B 103 -13.06 14.62 -8.04
N LEU B 104 -14.02 15.16 -7.29
CA LEU B 104 -14.41 14.57 -6.01
C LEU B 104 -15.23 13.30 -6.17
N ALA B 105 -16.16 13.28 -7.12
CA ALA B 105 -17.03 12.11 -7.27
C ALA B 105 -16.22 10.88 -7.64
N TRP B 106 -15.23 11.03 -8.52
CA TRP B 106 -14.41 9.89 -8.90
C TRP B 106 -13.64 9.33 -7.71
N HIS B 107 -13.19 10.19 -6.80
CA HIS B 107 -12.50 9.72 -5.61
C HIS B 107 -13.45 9.06 -4.63
N GLN B 108 -14.61 9.67 -4.37
CA GLN B 108 -15.57 9.09 -3.44
C GLN B 108 -16.12 7.77 -3.94
N LYS B 109 -16.24 7.58 -5.26
CA LYS B 109 -16.79 6.35 -5.79
C LYS B 109 -15.85 5.17 -5.71
N ARG B 110 -14.57 5.36 -6.01
CA ARG B 110 -13.64 4.24 -6.09
C ARG B 110 -12.37 4.44 -5.28
N GLY B 111 -11.84 5.66 -5.26
CA GLY B 111 -10.47 5.85 -4.81
C GLY B 111 -10.23 5.63 -3.33
N THR B 112 -10.76 6.52 -2.48
CA THR B 112 -10.57 6.44 -1.05
C THR B 112 -9.09 6.29 -0.72
N SER B 113 -8.65 5.05 -0.49
CA SER B 113 -7.25 4.73 -0.30
C SER B 113 -6.75 3.63 -1.23
N ASN B 114 -7.65 2.91 -1.91
CA ASN B 114 -7.22 1.89 -2.86
C ASN B 114 -6.43 2.48 -4.01
N ALA B 115 -6.70 3.73 -4.37
CA ALA B 115 -5.97 4.36 -5.46
C ALA B 115 -4.48 4.46 -5.15
N LEU B 116 -4.15 4.82 -3.92
CA LEU B 116 -2.75 4.93 -3.52
C LEU B 116 -2.06 3.58 -3.60
N HIS B 117 -2.72 2.53 -3.12
CA HIS B 117 -2.12 1.20 -3.15
C HIS B 117 -1.90 0.75 -4.59
N THR B 118 -2.88 0.99 -5.46
CA THR B 118 -2.72 0.63 -6.86
C THR B 118 -1.56 1.39 -7.48
N LEU B 119 -1.45 2.69 -7.17
CA LEU B 119 -0.35 3.49 -7.70
C LEU B 119 1.00 2.93 -7.28
N ILE B 120 1.15 2.63 -5.99
CA ILE B 120 2.44 2.14 -5.48
C ILE B 120 2.78 0.80 -6.10
N ARG B 121 1.81 -0.12 -6.13
CA ARG B 121 2.06 -1.45 -6.66
C ARG B 121 2.42 -1.39 -8.14
N ALA B 122 1.67 -0.60 -8.91
CA ALA B 122 1.98 -0.46 -10.33
C ALA B 122 3.34 0.16 -10.53
N THR B 123 3.70 1.15 -9.71
CA THR B 123 4.99 1.81 -9.86
C THR B 123 6.15 0.85 -9.63
N ASP B 124 6.07 0.06 -8.56
CA ASP B 124 7.17 -0.88 -8.29
C ASP B 124 7.22 -1.98 -9.34
N SER B 125 6.06 -2.47 -9.78
CA SER B 125 6.05 -3.48 -10.84
C SER B 125 6.66 -2.93 -12.12
N LEU B 126 6.35 -1.68 -12.46
CA LEU B 126 6.95 -1.07 -13.65
C LEU B 126 8.44 -0.88 -13.47
N PHE B 127 8.90 -0.57 -12.25
CA PHE B 127 10.33 -0.50 -12.00
C PHE B 127 11.01 -1.82 -12.31
N THR B 128 10.49 -2.91 -11.75
CA THR B 128 11.08 -4.22 -12.01
C THR B 128 11.03 -4.57 -13.49
N LEU B 129 9.89 -4.27 -14.13
CA LEU B 129 9.75 -4.50 -15.57
C LEU B 129 10.82 -3.76 -16.35
N TRP B 130 10.98 -2.46 -16.07
CA TRP B 130 11.95 -1.66 -16.79
C TRP B 130 13.35 -2.26 -16.66
N LEU B 131 13.77 -2.53 -15.43
CA LEU B 131 15.13 -3.03 -15.21
C LEU B 131 15.36 -4.35 -15.93
N GLU B 132 14.56 -5.37 -15.59
CA GLU B 132 14.81 -6.70 -16.12
C GLU B 132 14.57 -6.75 -17.63
N PHE B 133 13.48 -6.13 -18.09
CA PHE B 133 13.24 -6.02 -19.53
C PHE B 133 14.45 -5.45 -20.23
N MET B 134 14.85 -4.23 -19.88
CA MET B 134 16.01 -3.58 -20.48
C MET B 134 17.16 -4.58 -20.59
N ARG B 135 17.67 -5.01 -19.45
CA ARG B 135 18.89 -5.81 -19.49
C ARG B 135 18.70 -7.13 -20.23
N GLN B 136 17.85 -8.00 -19.68
CA GLN B 136 17.72 -9.34 -20.22
C GLN B 136 17.22 -9.33 -21.66
N HIS B 137 16.11 -8.62 -21.92
CA HIS B 137 15.54 -8.62 -23.25
C HIS B 137 16.52 -8.09 -24.28
N LEU B 138 17.12 -6.91 -24.06
CA LEU B 138 18.01 -6.40 -25.09
C LEU B 138 19.17 -7.36 -25.32
N THR B 139 19.78 -7.84 -24.24
CA THR B 139 20.93 -8.72 -24.40
C THR B 139 20.57 -9.97 -25.19
N THR B 140 19.53 -10.68 -24.76
CA THR B 140 19.24 -11.97 -25.37
C THR B 140 18.66 -11.83 -26.78
N VAL B 141 17.85 -10.79 -27.03
CA VAL B 141 17.29 -10.62 -28.36
C VAL B 141 18.39 -10.26 -29.35
N VAL B 142 19.27 -9.33 -28.99
CA VAL B 142 20.36 -9.00 -29.90
C VAL B 142 21.28 -10.20 -30.10
N ALA B 143 21.49 -10.99 -29.04
CA ALA B 143 22.31 -12.19 -29.17
C ALA B 143 21.69 -13.17 -30.15
N LEU B 144 20.38 -13.41 -30.04
CA LEU B 144 19.72 -14.33 -30.96
C LEU B 144 19.77 -13.81 -32.39
N ALA B 145 19.53 -12.50 -32.59
CA ALA B 145 19.54 -11.94 -33.93
C ALA B 145 20.92 -12.06 -34.57
N THR B 146 21.98 -11.81 -33.80
CA THR B 146 23.33 -11.98 -34.32
C THR B 146 23.74 -13.45 -34.43
N LEU B 147 23.08 -14.33 -33.69
CA LEU B 147 23.36 -15.76 -33.75
C LEU B 147 22.77 -16.43 -34.98
N ILE B 148 21.62 -15.93 -35.46
CA ILE B 148 21.00 -16.54 -36.64
C ILE B 148 21.96 -16.64 -37.82
N PRO B 149 22.66 -15.56 -38.24
CA PRO B 149 23.58 -15.71 -39.38
C PRO B 149 24.76 -16.62 -39.09
N VAL B 150 25.30 -16.57 -37.88
CA VAL B 150 26.43 -17.43 -37.53
C VAL B 150 26.02 -18.89 -37.63
N ALA B 151 24.84 -19.21 -37.08
CA ALA B 151 24.32 -20.57 -37.20
C ALA B 151 24.00 -20.92 -38.65
N MET B 152 23.64 -19.94 -39.48
CA MET B 152 23.39 -20.22 -40.88
C MET B 152 24.67 -20.57 -41.62
N THR B 153 25.76 -19.86 -41.32
CA THR B 153 27.04 -20.09 -41.98
C THR B 153 27.74 -21.35 -41.49
N MET B 154 27.50 -21.76 -40.26
CA MET B 154 28.13 -22.93 -39.68
C MET B 154 27.24 -24.15 -39.96
N ASP B 155 27.48 -25.32 -39.37
CA ASP B 155 26.67 -26.48 -39.65
C ASP B 155 25.20 -26.19 -39.38
N MET B 156 24.33 -26.58 -40.31
CA MET B 156 22.93 -26.20 -40.27
C MET B 156 22.06 -27.20 -39.54
N ARG B 157 22.56 -28.40 -39.26
CA ARG B 157 21.77 -29.38 -38.51
C ARG B 157 21.48 -28.88 -37.10
N MET B 158 22.50 -28.37 -36.42
CA MET B 158 22.32 -27.86 -35.07
C MET B 158 21.41 -26.63 -35.05
N SER B 159 21.53 -25.75 -36.05
CA SER B 159 20.61 -24.62 -36.14
C SER B 159 19.19 -25.10 -36.39
N LEU B 160 19.04 -26.17 -37.17
CA LEU B 160 17.72 -26.77 -37.40
C LEU B 160 17.12 -27.27 -36.10
N VAL B 161 17.93 -27.89 -35.24
CA VAL B 161 17.42 -28.31 -33.94
C VAL B 161 17.12 -27.10 -33.05
N LEU B 162 17.95 -26.08 -33.12
CA LEU B 162 17.83 -24.91 -32.24
C LEU B 162 16.57 -24.10 -32.54
N ILE B 163 16.23 -23.96 -33.83
CA ILE B 163 15.01 -23.23 -34.15
C ILE B 163 13.79 -23.98 -33.65
N VAL B 164 13.81 -25.31 -33.70
CA VAL B 164 12.73 -26.10 -33.11
C VAL B 164 12.71 -25.92 -31.60
N LEU B 165 13.88 -25.78 -30.97
CA LEU B 165 13.95 -25.50 -29.55
C LEU B 165 13.23 -24.19 -29.21
N GLY B 166 13.53 -23.14 -29.98
CA GLY B 166 12.84 -21.87 -29.76
C GLY B 166 11.34 -21.97 -30.01
N VAL B 167 10.95 -22.74 -31.03
CA VAL B 167 9.53 -22.99 -31.28
C VAL B 167 8.89 -23.68 -30.09
N ILE B 168 9.61 -24.62 -29.47
CA ILE B 168 9.11 -25.32 -28.30
C ILE B 168 8.86 -24.34 -27.17
N TYR B 169 9.83 -23.45 -26.91
CA TYR B 169 9.66 -22.47 -25.84
C TYR B 169 8.47 -21.55 -26.10
N VAL B 170 8.36 -21.02 -27.31
CA VAL B 170 7.24 -20.11 -27.57
C VAL B 170 5.91 -20.86 -27.51
N MET B 171 5.88 -22.11 -27.97
CA MET B 171 4.66 -22.89 -27.94
C MET B 171 4.20 -23.16 -26.51
N ILE B 172 5.14 -23.55 -25.64
CA ILE B 172 4.76 -23.80 -24.26
C ILE B 172 4.34 -22.51 -23.57
N GLY B 173 4.96 -21.39 -23.93
CA GLY B 173 4.52 -20.11 -23.39
C GLY B 173 3.08 -19.79 -23.77
N GLN B 174 2.74 -19.99 -25.05
CA GLN B 174 1.37 -19.77 -25.49
C GLN B 174 0.41 -20.71 -24.77
N LEU B 175 0.79 -21.97 -24.63
CA LEU B 175 -0.06 -22.95 -23.96
C LEU B 175 -0.32 -22.55 -22.51
N VAL B 176 0.73 -22.14 -21.81
CA VAL B 176 0.59 -21.76 -20.40
C VAL B 176 -0.27 -20.52 -20.28
N MET B 177 -0.07 -19.52 -21.14
CA MET B 177 -0.89 -18.32 -21.08
C MET B 177 -2.36 -18.65 -21.31
N ARG B 178 -2.64 -19.50 -22.29
CA ARG B 178 -4.03 -19.89 -22.56
C ARG B 178 -4.65 -20.61 -21.37
N LYS B 179 -3.92 -21.53 -20.75
CA LYS B 179 -4.46 -22.25 -19.60
C LYS B 179 -4.46 -21.42 -18.32
N THR B 180 -3.81 -20.25 -18.31
CA THR B 180 -3.59 -19.51 -17.09
C THR B 180 -4.39 -18.21 -17.00
N LYS B 181 -4.85 -17.65 -18.12
CA LYS B 181 -5.42 -16.31 -18.10
C LYS B 181 -6.65 -16.21 -17.21
N ASP B 182 -7.57 -17.18 -17.32
CA ASP B 182 -8.81 -17.12 -16.54
C ASP B 182 -8.53 -17.23 -15.04
N GLY B 183 -7.65 -18.16 -14.66
CA GLY B 183 -7.25 -18.26 -13.27
C GLY B 183 -6.60 -16.98 -12.78
N GLN B 184 -5.82 -16.33 -13.64
CA GLN B 184 -5.20 -15.06 -13.27
C GLN B 184 -6.26 -14.01 -12.98
N ALA B 185 -7.29 -13.94 -13.82
CA ALA B 185 -8.36 -12.96 -13.59
C ALA B 185 -9.09 -13.26 -12.29
N ALA B 186 -9.40 -14.53 -12.02
CA ALA B 186 -10.07 -14.89 -10.79
C ALA B 186 -9.22 -14.55 -9.57
N VAL B 187 -7.93 -14.85 -9.63
CA VAL B 187 -7.03 -14.55 -8.53
C VAL B 187 -6.99 -13.05 -8.29
N GLU B 188 -6.92 -12.26 -9.36
CA GLU B 188 -6.87 -10.81 -9.19
C GLU B 188 -8.14 -10.29 -8.53
N LYS B 189 -9.30 -10.78 -8.97
CA LYS B 189 -10.54 -10.29 -8.35
C LYS B 189 -10.61 -10.69 -6.87
N HIS B 190 -10.16 -11.91 -6.54
CA HIS B 190 -10.18 -12.33 -5.16
C HIS B 190 -9.22 -11.49 -4.30
N HIS B 191 -8.04 -11.20 -4.84
CA HIS B 191 -7.08 -10.39 -4.11
C HIS B 191 -7.61 -8.98 -3.90
N HIS B 192 -8.29 -8.41 -4.90
CA HIS B 192 -8.89 -7.10 -4.72
C HIS B 192 -9.94 -7.13 -3.63
N LYS B 193 -10.78 -8.17 -3.61
CA LYS B 193 -11.76 -8.29 -2.53
C LYS B 193 -11.08 -8.32 -1.17
N LEU B 194 -10.03 -9.13 -1.05
CA LEU B 194 -9.32 -9.25 0.23
C LEU B 194 -8.73 -7.91 0.67
N PHE B 195 -8.05 -7.22 -0.25
CA PHE B 195 -7.43 -5.95 0.12
C PHE B 195 -8.48 -4.91 0.49
N GLU B 196 -9.60 -4.88 -0.24
CA GLU B 196 -10.66 -3.93 0.10
C GLU B 196 -11.20 -4.19 1.49
N HIS B 197 -11.43 -5.47 1.83
CA HIS B 197 -11.92 -5.78 3.17
C HIS B 197 -10.91 -5.39 4.23
N VAL B 198 -9.63 -5.67 3.98
CA VAL B 198 -8.59 -5.32 4.96
C VAL B 198 -8.56 -3.81 5.20
N SER B 199 -8.57 -3.03 4.12
CA SER B 199 -8.50 -1.58 4.25
C SER B 199 -9.73 -1.03 4.97
N ASP B 200 -10.92 -1.52 4.59
CA ASP B 200 -12.13 -1.03 5.23
C ASP B 200 -12.15 -1.38 6.72
N THR B 201 -11.63 -2.54 7.10
CA THR B 201 -11.63 -2.90 8.51
C THR B 201 -10.60 -2.08 9.28
N ILE B 202 -9.40 -1.92 8.74
CA ILE B 202 -8.36 -1.18 9.45
C ILE B 202 -8.74 0.28 9.62
N SER B 203 -9.32 0.88 8.58
CA SER B 203 -9.65 2.31 8.66
C SER B 203 -10.69 2.63 9.73
N ASN B 204 -11.39 1.62 10.24
CA ASN B 204 -12.46 1.84 11.21
C ASN B 204 -12.22 0.98 12.45
N VAL B 205 -10.98 1.02 12.95
CA VAL B 205 -10.58 0.12 14.03
C VAL B 205 -11.34 0.37 15.32
N SER B 206 -11.70 1.62 15.63
CA SER B 206 -12.40 1.88 16.88
C SER B 206 -13.76 1.19 16.92
N VAL B 207 -14.50 1.23 15.80
CA VAL B 207 -15.81 0.60 15.76
C VAL B 207 -15.70 -0.90 15.94
N VAL B 208 -14.75 -1.53 15.24
CA VAL B 208 -14.62 -2.97 15.32
C VAL B 208 -14.10 -3.41 16.68
N GLN B 209 -13.29 -2.58 17.34
CA GLN B 209 -12.80 -2.93 18.66
C GLN B 209 -13.75 -2.57 19.78
N SER B 210 -14.80 -1.80 19.49
CA SER B 210 -15.79 -1.42 20.50
C SER B 210 -17.06 -2.25 20.42
N TYR B 211 -17.06 -3.33 19.63
CA TYR B 211 -18.25 -4.15 19.51
C TYR B 211 -17.96 -5.64 19.55
N ASN B 212 -16.78 -6.05 20.01
CA ASN B 212 -16.40 -7.46 20.14
C ASN B 212 -16.57 -8.19 18.82
N ARG B 213 -16.15 -7.53 17.74
CA ARG B 213 -16.30 -8.09 16.40
C ARG B 213 -14.95 -8.52 15.83
N ILE B 214 -13.95 -8.70 16.70
CA ILE B 214 -12.64 -9.12 16.22
C ILE B 214 -12.71 -10.53 15.65
N ALA B 215 -13.34 -11.46 16.39
CA ALA B 215 -13.41 -12.84 15.94
C ALA B 215 -14.19 -12.96 14.64
N SER B 216 -15.33 -12.29 14.56
CA SER B 216 -16.16 -12.37 13.36
C SER B 216 -15.43 -11.82 12.15
N GLU B 217 -14.78 -10.65 12.30
CA GLU B 217 -14.09 -10.05 11.17
C GLU B 217 -12.89 -10.89 10.75
N THR B 218 -12.13 -11.42 11.69
CA THR B 218 -11.00 -12.25 11.31
C THR B 218 -11.46 -13.55 10.67
N GLN B 219 -12.62 -14.09 11.09
CA GLN B 219 -13.13 -15.29 10.44
C GLN B 219 -13.61 -14.98 9.02
N ALA B 220 -14.24 -13.83 8.82
CA ALA B 220 -14.64 -13.43 7.48
C ALA B 220 -13.41 -13.25 6.58
N LEU B 221 -12.34 -12.67 7.12
CA LEU B 221 -11.14 -12.49 6.33
C LEU B 221 -10.49 -13.83 6.03
N ARG B 222 -10.59 -14.77 6.98
CA ARG B 222 -10.15 -16.14 6.73
C ARG B 222 -10.94 -16.77 5.58
N ASP B 223 -12.25 -16.52 5.55
CA ASP B 223 -13.08 -17.01 4.45
C ASP B 223 -12.62 -16.41 3.12
N TYR B 224 -12.32 -15.11 3.12
CA TYR B 224 -11.84 -14.47 1.88
C TYR B 224 -10.51 -15.07 1.44
N ALA B 225 -9.62 -15.33 2.39
CA ALA B 225 -8.35 -15.97 2.06
C ALA B 225 -8.55 -17.36 1.49
N LYS B 226 -9.48 -18.12 2.08
CA LYS B 226 -9.85 -19.42 1.54
C LYS B 226 -10.31 -19.30 0.09
N ASN B 227 -11.22 -18.36 -0.18
CA ASN B 227 -11.72 -18.17 -1.53
C ASN B 227 -10.60 -17.81 -2.49
N LEU B 228 -9.70 -16.92 -2.08
CA LEU B 228 -8.58 -16.56 -2.94
C LEU B 228 -7.68 -17.76 -3.22
N GLU B 229 -7.37 -18.55 -2.19
CA GLU B 229 -6.45 -19.67 -2.38
C GLU B 229 -7.10 -20.85 -3.09
N ASN B 230 -8.43 -20.85 -3.27
CA ASN B 230 -9.03 -21.90 -4.07
C ASN B 230 -8.50 -21.91 -5.50
N ALA B 231 -8.36 -20.74 -6.11
CA ALA B 231 -8.02 -20.64 -7.52
C ALA B 231 -6.52 -20.53 -7.77
N GLN B 232 -5.71 -20.52 -6.72
CA GLN B 232 -4.27 -20.34 -6.86
C GLN B 232 -3.54 -21.60 -7.33
N PHE B 233 -4.09 -22.78 -7.09
CA PHE B 233 -3.35 -24.02 -7.33
C PHE B 233 -3.18 -24.35 -8.82
N PRO B 234 -4.22 -24.28 -9.65
CA PRO B 234 -4.04 -24.69 -11.06
C PRO B 234 -2.97 -23.91 -11.80
N VAL B 235 -2.87 -22.60 -11.57
CA VAL B 235 -1.92 -21.78 -12.34
C VAL B 235 -0.49 -22.14 -11.97
N LEU B 236 -0.21 -22.32 -10.68
CA LEU B 236 1.12 -22.70 -10.28
C LEU B 236 1.44 -24.13 -10.71
N ASN B 237 0.44 -25.01 -10.73
CA ASN B 237 0.65 -26.34 -11.27
C ASN B 237 1.06 -26.28 -12.74
N TRP B 238 0.38 -25.42 -13.51
CA TRP B 238 0.72 -25.27 -14.92
C TRP B 238 2.12 -24.68 -15.09
N TRP B 239 2.49 -23.73 -14.23
CA TRP B 239 3.83 -23.16 -14.29
C TRP B 239 4.89 -24.22 -13.99
N ALA B 240 4.62 -25.08 -13.01
CA ALA B 240 5.54 -26.17 -12.72
C ALA B 240 5.65 -27.13 -13.90
N LEU B 241 4.53 -27.43 -14.54
CA LEU B 241 4.56 -28.29 -15.73
C LEU B 241 5.40 -27.65 -16.82
N ALA B 242 5.25 -26.34 -17.01
CA ALA B 242 6.05 -25.64 -18.01
C ALA B 242 7.53 -25.70 -17.67
N SER B 243 7.89 -25.49 -16.40
CA SER B 243 9.29 -25.55 -16.00
C SER B 243 9.86 -26.93 -16.27
N GLY B 244 9.11 -27.97 -15.90
CA GLY B 244 9.58 -29.33 -16.16
C GLY B 244 9.73 -29.62 -17.64
N LEU B 245 8.76 -29.19 -18.44
CA LEU B 245 8.81 -29.45 -19.88
C LEU B 245 10.00 -28.76 -20.52
N ASN B 246 10.25 -27.50 -20.13
CA ASN B 246 11.38 -26.80 -20.75
C ASN B 246 12.71 -27.32 -20.24
N ARG B 247 12.77 -27.79 -18.98
CA ARG B 247 13.98 -28.45 -18.51
C ARG B 247 14.24 -29.74 -19.29
N MET B 248 13.19 -30.52 -19.53
CA MET B 248 13.33 -31.72 -20.34
C MET B 248 13.78 -31.39 -21.74
N ALA B 249 13.23 -30.32 -22.33
CA ALA B 249 13.64 -29.90 -23.66
C ALA B 249 15.10 -29.49 -23.68
N SER B 250 15.55 -28.75 -22.66
CA SER B 250 16.94 -28.31 -22.62
C SER B 250 17.89 -29.49 -22.50
N THR B 251 17.59 -30.43 -21.59
CA THR B 251 18.44 -31.61 -21.45
C THR B 251 18.42 -32.45 -22.73
N PHE B 252 17.24 -32.59 -23.33
CA PHE B 252 17.12 -33.35 -24.57
CA PHE B 252 17.12 -33.35 -24.57
CA PHE B 252 17.12 -33.35 -24.57
C PHE B 252 17.97 -32.73 -25.68
N SER B 253 17.92 -31.40 -25.81
CA SER B 253 18.70 -30.72 -26.83
C SER B 253 20.19 -30.83 -26.54
N MET B 254 20.57 -30.76 -25.26
CA MET B 254 21.99 -30.93 -24.91
C MET B 254 22.48 -32.31 -25.31
N VAL B 255 21.69 -33.35 -25.05
CA VAL B 255 22.07 -34.70 -25.44
C VAL B 255 22.17 -34.82 -26.96
N VAL B 256 21.20 -34.25 -27.67
CA VAL B 256 21.20 -34.31 -29.13
C VAL B 256 22.43 -33.60 -29.68
N VAL B 257 22.75 -32.43 -29.13
CA VAL B 257 23.92 -31.68 -29.58
C VAL B 257 25.20 -32.46 -29.31
N LEU B 258 25.28 -33.11 -28.15
CA LEU B 258 26.45 -33.93 -27.85
C LEU B 258 26.59 -35.08 -28.84
N VAL B 259 25.48 -35.73 -29.18
CA VAL B 259 25.55 -36.83 -30.15
C VAL B 259 25.94 -36.32 -31.52
N LEU B 260 25.42 -35.17 -31.93
CA LEU B 260 25.80 -34.60 -33.22
C LEU B 260 27.27 -34.23 -33.24
N GLY B 261 27.79 -33.69 -32.14
CA GLY B 261 29.22 -33.42 -32.06
C GLY B 261 30.05 -34.69 -32.13
N ALA B 262 29.56 -35.75 -31.50
CA ALA B 262 30.25 -37.03 -31.58
C ALA B 262 30.30 -37.54 -33.01
N TYR B 263 29.19 -37.41 -33.74
CA TYR B 263 29.20 -37.77 -35.16
C TYR B 263 30.14 -36.88 -35.96
N PHE B 264 30.21 -35.60 -35.61
CA PHE B 264 31.13 -34.68 -36.26
C PHE B 264 32.58 -35.03 -35.95
N VAL B 265 32.82 -35.74 -34.84
CA VAL B 265 34.18 -36.18 -34.50
C VAL B 265 34.72 -37.11 -35.57
N THR B 266 33.88 -38.04 -36.04
CA THR B 266 34.31 -38.99 -37.06
C THR B 266 34.81 -38.26 -38.30
N LYS B 267 34.04 -37.29 -38.78
CA LYS B 267 34.47 -36.45 -39.89
C LYS B 267 33.67 -35.15 -39.86
N GLY B 268 34.32 -34.08 -40.32
CA GLY B 268 33.70 -32.77 -40.34
C GLY B 268 34.64 -31.74 -40.95
N GLN B 269 34.41 -30.46 -40.66
CA GLN B 269 35.21 -29.38 -41.21
C GLN B 269 36.01 -28.69 -40.12
N MET B 270 35.36 -28.18 -39.07
CA MET B 270 36.05 -27.49 -38.00
C MET B 270 36.40 -28.47 -36.88
N ARG B 271 36.78 -27.96 -35.72
CA ARG B 271 37.43 -28.79 -34.72
C ARG B 271 36.64 -28.77 -33.41
N VAL B 272 37.23 -29.39 -32.39
CA VAL B 272 36.62 -29.42 -31.07
C VAL B 272 36.44 -28.03 -30.51
N GLY B 273 37.23 -27.05 -30.96
CA GLY B 273 36.99 -25.68 -30.56
C GLY B 273 35.62 -25.19 -31.00
N ASP B 274 35.29 -25.43 -32.28
CA ASP B 274 33.96 -25.09 -32.75
C ASP B 274 32.89 -25.91 -32.05
N VAL B 275 33.19 -27.18 -31.77
CA VAL B 275 32.22 -28.04 -31.08
C VAL B 275 31.86 -27.47 -29.71
N ILE B 276 32.89 -27.14 -28.92
CA ILE B 276 32.64 -26.63 -27.58
C ILE B 276 32.07 -25.21 -27.63
N ALA B 277 32.43 -24.42 -28.64
CA ALA B 277 31.79 -23.12 -28.80
C ALA B 277 30.30 -23.28 -29.05
N PHE B 278 29.93 -24.26 -29.86
CA PHE B 278 28.52 -24.56 -30.10
C PHE B 278 27.83 -24.99 -28.82
N ILE B 279 28.51 -25.83 -28.02
CA ILE B 279 27.94 -26.26 -26.75
C ILE B 279 27.73 -25.05 -25.83
N GLY B 280 28.70 -24.14 -25.80
CA GLY B 280 28.56 -22.93 -25.00
C GLY B 280 27.41 -22.07 -25.48
N PHE B 281 27.24 -21.94 -26.80
CA PHE B 281 26.09 -21.24 -27.33
C PHE B 281 24.79 -21.87 -26.84
N ALA B 282 24.72 -23.20 -26.91
CA ALA B 282 23.50 -23.89 -26.49
C ALA B 282 23.20 -23.65 -25.01
N GLN B 283 24.22 -23.75 -24.16
CA GLN B 283 23.98 -23.58 -22.73
C GLN B 283 23.65 -22.13 -22.39
N LEU B 284 24.28 -21.18 -23.07
CA LEU B 284 23.95 -19.77 -22.87
C LEU B 284 22.50 -19.49 -23.26
N MET B 285 22.06 -20.03 -24.40
CA MET B 285 20.67 -19.87 -24.79
C MET B 285 19.74 -20.54 -23.79
N ILE B 286 20.13 -21.71 -23.28
CA ILE B 286 19.31 -22.37 -22.27
C ILE B 286 19.12 -21.47 -21.06
N GLY B 287 20.22 -20.92 -20.54
CA GLY B 287 20.11 -20.06 -19.37
C GLY B 287 19.27 -18.83 -19.63
N ARG B 288 19.53 -18.15 -20.75
CA ARG B 288 18.80 -16.91 -21.02
C ARG B 288 17.32 -17.18 -21.29
N LEU B 289 17.01 -18.31 -21.92
CA LEU B 289 15.62 -18.71 -22.07
C LEU B 289 14.98 -18.96 -20.72
N ASP B 290 15.73 -19.55 -19.78
CA ASP B 290 15.20 -19.72 -18.44
C ASP B 290 14.87 -18.38 -17.79
N GLN B 291 15.80 -17.42 -17.88
CA GLN B 291 15.52 -16.11 -17.29
C GLN B 291 14.33 -15.43 -17.96
N ILE B 292 14.23 -15.50 -19.28
CA ILE B 292 13.12 -14.82 -19.94
C ILE B 292 11.80 -15.54 -19.65
N SER B 293 11.83 -16.85 -19.45
CA SER B 293 10.62 -17.55 -19.03
C SER B 293 10.17 -17.08 -17.65
N ALA B 294 11.11 -16.96 -16.72
CA ALA B 294 10.76 -16.42 -15.40
C ALA B 294 10.22 -15.00 -15.53
N PHE B 295 10.83 -14.20 -16.41
CA PHE B 295 10.38 -12.83 -16.63
C PHE B 295 8.96 -12.80 -17.18
N ILE B 296 8.65 -13.71 -18.12
CA ILE B 296 7.30 -13.83 -18.64
C ILE B 296 6.34 -14.16 -17.51
N ASN B 297 6.76 -15.04 -16.59
CA ASN B 297 5.91 -15.37 -15.45
C ASN B 297 5.62 -14.15 -14.59
N GLN B 298 6.65 -13.36 -14.26
CA GLN B 298 6.41 -12.16 -13.46
C GLN B 298 5.52 -11.18 -14.20
N THR B 299 5.72 -11.02 -15.50
CA THR B 299 4.89 -10.12 -16.28
C THR B 299 3.43 -10.57 -16.27
N VAL B 300 3.20 -11.88 -16.40
CA VAL B 300 1.84 -12.39 -16.34
C VAL B 300 1.24 -12.13 -14.97
N THR B 301 2.02 -12.31 -13.90
CA THR B 301 1.50 -12.06 -12.57
C THR B 301 1.10 -10.60 -12.38
N ALA B 302 1.90 -9.67 -12.89
CA ALA B 302 1.62 -8.25 -12.73
C ALA B 302 0.72 -7.68 -13.82
N ARG B 303 0.29 -8.52 -14.76
CA ARG B 303 -0.54 -8.05 -15.87
C ARG B 303 -1.78 -7.28 -15.41
N ALA B 304 -2.55 -7.85 -14.48
CA ALA B 304 -3.82 -7.22 -14.11
C ALA B 304 -3.59 -5.87 -13.45
N LYS B 305 -2.59 -5.78 -12.57
CA LYS B 305 -2.29 -4.51 -11.93
C LYS B 305 -1.84 -3.47 -12.94
N LEU B 306 -0.99 -3.87 -13.89
CA LEU B 306 -0.57 -2.94 -14.92
C LEU B 306 -1.74 -2.49 -15.78
N GLU B 307 -2.66 -3.40 -16.08
CA GLU B 307 -3.84 -3.05 -16.86
C GLU B 307 -4.71 -2.04 -16.12
N GLU B 308 -4.91 -2.25 -14.82
CA GLU B 308 -5.70 -1.30 -14.04
C GLU B 308 -5.04 0.07 -14.00
N PHE B 309 -3.72 0.09 -13.80
CA PHE B 309 -3.01 1.35 -13.77
C PHE B 309 -3.12 2.08 -15.11
N PHE B 310 -2.99 1.35 -16.21
CA PHE B 310 -3.09 1.98 -17.52
C PHE B 310 -4.51 2.49 -17.79
N GLN B 311 -5.51 1.75 -17.30
CA GLN B 311 -6.89 2.22 -17.41
C GLN B 311 -7.07 3.53 -16.66
N MET B 312 -6.51 3.63 -15.45
CA MET B 312 -6.62 4.89 -14.72
C MET B 312 -5.79 6.00 -15.37
N GLU B 313 -4.69 5.64 -16.03
CA GLU B 313 -3.91 6.62 -16.78
C GLU B 313 -4.72 7.21 -17.93
N ASP B 314 -5.33 6.36 -18.75
CA ASP B 314 -6.11 6.83 -19.88
C ASP B 314 -7.48 7.37 -19.47
N ALA B 315 -7.91 7.13 -18.23
CA ALA B 315 -9.18 7.66 -17.76
C ALA B 315 -9.14 9.17 -17.56
N THR B 316 -7.94 9.76 -17.53
CA THR B 316 -7.81 11.21 -17.37
C THR B 316 -8.13 11.87 -18.71
N ALA B 317 -9.42 12.17 -18.93
CA ALA B 317 -9.86 12.84 -20.15
C ALA B 317 -10.64 14.10 -19.86
N ASP B 318 -10.67 14.56 -18.61
CA ASP B 318 -11.36 15.79 -18.24
C ASP B 318 -10.55 16.98 -18.74
N ARG B 319 -10.91 17.48 -19.93
CA ARG B 319 -10.19 18.59 -20.52
C ARG B 319 -10.42 19.86 -19.69
N GLN B 320 -9.36 20.64 -19.54
CA GLN B 320 -9.38 21.82 -18.68
C GLN B 320 -9.23 23.11 -19.46
N GLU B 321 -9.50 23.09 -20.77
CA GLU B 321 -9.34 24.24 -21.64
C GLU B 321 -7.94 24.83 -21.52
N PRO B 322 -6.91 24.17 -22.08
CA PRO B 322 -5.54 24.72 -21.98
C PRO B 322 -5.42 26.14 -22.51
N GLU B 323 -6.14 26.46 -23.58
CA GLU B 323 -6.14 27.81 -24.11
C GLU B 323 -6.65 28.80 -23.06
N ASN B 324 -6.26 30.06 -23.21
CA ASN B 324 -6.73 31.09 -22.30
C ASN B 324 -8.24 31.23 -22.42
N VAL B 325 -8.95 30.96 -21.33
CA VAL B 325 -10.41 31.01 -21.30
C VAL B 325 -10.83 32.10 -20.31
N ALA B 326 -12.05 32.59 -20.51
CA ALA B 326 -12.51 33.77 -19.77
C ALA B 326 -12.53 33.51 -18.28
N ASP B 327 -11.82 34.34 -17.51
CA ASP B 327 -11.84 34.29 -16.06
C ASP B 327 -12.80 35.33 -15.49
N LEU B 328 -12.78 35.49 -14.17
CA LEU B 328 -13.60 36.48 -13.49
C LEU B 328 -12.72 37.25 -12.51
N ASN B 329 -13.14 38.47 -12.19
CA ASN B 329 -12.37 39.30 -11.28
C ASN B 329 -13.29 40.34 -10.65
N ASP B 330 -12.87 40.85 -9.49
CA ASP B 330 -13.59 41.86 -8.72
C ASP B 330 -15.04 41.39 -8.46
N VAL B 331 -15.12 40.28 -7.74
CA VAL B 331 -16.39 39.65 -7.43
C VAL B 331 -17.05 40.42 -6.29
N LYS B 332 -17.84 41.43 -6.63
CA LYS B 332 -18.63 42.18 -5.66
C LYS B 332 -19.73 41.35 -5.03
N GLY B 333 -20.17 40.30 -5.74
CA GLY B 333 -21.19 39.40 -5.24
C GLY B 333 -22.48 39.51 -6.01
N ASP B 334 -22.69 38.59 -6.95
CA ASP B 334 -23.89 38.54 -7.77
C ASP B 334 -24.11 37.06 -8.11
N ILE B 335 -24.95 36.40 -7.33
CA ILE B 335 -25.18 34.96 -7.49
C ILE B 335 -26.62 34.76 -7.94
N VAL B 336 -26.80 34.07 -9.07
CA VAL B 336 -28.11 33.77 -9.61
C VAL B 336 -28.15 32.30 -10.01
N PHE B 337 -29.18 31.60 -9.51
CA PHE B 337 -29.47 30.25 -9.96
C PHE B 337 -30.69 30.29 -10.88
N ASP B 338 -30.68 29.45 -11.91
CA ASP B 338 -31.74 29.42 -12.91
C ASP B 338 -32.16 27.98 -13.17
N ASN B 339 -33.14 27.50 -12.41
CA ASN B 339 -33.73 26.17 -12.59
C ASN B 339 -32.66 25.10 -12.73
N VAL B 340 -31.86 24.92 -11.68
CA VAL B 340 -30.72 24.01 -11.72
C VAL B 340 -31.06 22.82 -10.83
N THR B 341 -31.05 21.63 -11.42
CA THR B 341 -31.33 20.40 -10.71
C THR B 341 -30.15 19.45 -10.88
N TYR B 342 -30.06 18.47 -9.99
CA TYR B 342 -29.05 17.42 -10.16
C TYR B 342 -29.63 16.06 -9.82
N GLU B 343 -29.24 15.05 -10.61
CA GLU B 343 -29.63 13.67 -10.40
C GLU B 343 -28.37 12.85 -10.18
N PHE B 344 -28.32 12.14 -9.08
CA PHE B 344 -27.14 11.37 -8.72
C PHE B 344 -26.99 10.15 -9.63
N PRO B 345 -25.79 9.62 -9.79
CA PRO B 345 -25.62 8.42 -10.62
C PRO B 345 -26.30 7.22 -9.99
N ASN B 346 -27.19 6.60 -10.77
CA ASN B 346 -27.93 5.40 -10.34
C ASN B 346 -28.74 5.68 -9.07
N SER B 347 -29.23 6.91 -8.94
CA SER B 347 -30.03 7.29 -7.78
C SER B 347 -31.02 8.38 -8.16
N GLY B 348 -31.57 9.05 -7.16
CA GLY B 348 -32.47 10.17 -7.40
C GLY B 348 -32.25 11.29 -6.42
N GLN B 349 -33.33 11.80 -5.85
CA GLN B 349 -33.30 12.81 -4.77
C GLN B 349 -32.62 14.06 -5.33
N GLY B 350 -31.83 14.76 -4.54
CA GLY B 350 -31.17 15.98 -4.99
C GLY B 350 -32.10 17.18 -4.96
N VAL B 351 -31.70 18.20 -5.70
CA VAL B 351 -32.47 19.44 -5.80
C VAL B 351 -33.31 19.42 -7.06
N TYR B 352 -34.44 20.13 -7.04
CA TYR B 352 -35.35 20.18 -8.17
C TYR B 352 -35.93 21.58 -8.29
N ASP B 353 -35.68 22.23 -9.42
CA ASP B 353 -36.27 23.52 -9.77
C ASP B 353 -35.95 24.59 -8.74
N VAL B 354 -34.67 24.93 -8.57
CA VAL B 354 -34.24 25.95 -7.63
C VAL B 354 -33.73 27.16 -8.42
N SER B 355 -34.17 28.35 -8.01
CA SER B 355 -33.75 29.59 -8.66
C SER B 355 -33.92 30.75 -7.70
N PHE B 356 -32.88 31.55 -7.53
CA PHE B 356 -32.93 32.75 -6.70
C PHE B 356 -31.76 33.66 -7.06
N GLU B 357 -31.93 34.95 -6.81
CA GLU B 357 -30.93 35.96 -7.11
C GLU B 357 -30.32 36.50 -5.82
N VAL B 358 -29.03 36.79 -5.87
CA VAL B 358 -28.30 37.30 -4.71
C VAL B 358 -27.77 38.69 -5.06
N LYS B 359 -28.12 39.68 -4.24
CA LYS B 359 -27.62 41.04 -4.40
C LYS B 359 -26.40 41.25 -3.50
N PRO B 360 -25.43 42.04 -3.96
CA PRO B 360 -24.25 42.29 -3.13
C PRO B 360 -24.58 43.11 -1.89
N GLY B 361 -23.81 42.87 -0.84
CA GLY B 361 -23.94 43.61 0.40
C GLY B 361 -24.74 42.93 1.49
N GLN B 362 -25.34 41.79 1.20
CA GLN B 362 -26.21 41.09 2.15
C GLN B 362 -25.88 39.60 2.17
N THR B 363 -26.20 38.96 3.29
CA THR B 363 -25.89 37.55 3.50
C THR B 363 -27.15 36.69 3.39
N VAL B 364 -26.95 35.45 2.99
CA VAL B 364 -28.03 34.48 2.77
C VAL B 364 -27.72 33.22 3.55
N ALA B 365 -28.67 32.78 4.37
CA ALA B 365 -28.55 31.57 5.16
C ALA B 365 -29.58 30.55 4.70
N ILE B 366 -29.15 29.30 4.56
CA ILE B 366 -30.03 28.22 4.11
C ILE B 366 -30.28 27.30 5.29
N VAL B 367 -31.55 27.11 5.64
CA VAL B 367 -31.93 26.24 6.74
C VAL B 367 -32.89 25.18 6.20
N GLY B 368 -33.24 24.21 7.06
CA GLY B 368 -34.16 23.17 6.66
C GLY B 368 -33.79 21.81 7.24
N PRO B 369 -34.71 20.86 7.13
CA PRO B 369 -34.46 19.53 7.70
C PRO B 369 -33.33 18.82 6.97
N THR B 370 -32.79 17.80 7.64
CA THR B 370 -31.65 17.07 7.13
C THR B 370 -32.00 16.33 5.85
N GLY B 371 -31.01 16.17 4.97
CA GLY B 371 -31.24 15.48 3.71
C GLY B 371 -32.00 16.30 2.68
N ALA B 372 -32.10 17.60 2.89
CA ALA B 372 -32.87 18.45 1.98
C ALA B 372 -32.10 18.71 0.69
N GLY B 373 -30.78 18.81 0.77
CA GLY B 373 -29.97 19.13 -0.40
C GLY B 373 -29.14 20.37 -0.24
N LYS B 374 -28.83 20.74 1.00
CA LYS B 374 -28.03 21.94 1.29
C LYS B 374 -26.55 21.75 1.01
N THR B 375 -25.96 20.65 1.48
CA THR B 375 -24.55 20.41 1.20
C THR B 375 -24.28 20.24 -0.28
N THR B 376 -25.15 19.52 -1.00
CA THR B 376 -24.96 19.37 -2.43
C THR B 376 -25.17 20.70 -3.14
N LEU B 377 -26.07 21.55 -2.63
CA LEU B 377 -26.21 22.89 -3.18
C LEU B 377 -24.92 23.68 -3.01
N ILE B 378 -24.31 23.61 -1.83
CA ILE B 378 -23.09 24.37 -1.58
C ILE B 378 -21.96 23.89 -2.49
N ASN B 379 -21.77 22.57 -2.57
CA ASN B 379 -20.70 22.06 -3.42
C ASN B 379 -21.04 22.16 -4.90
N LEU B 380 -22.30 22.43 -5.24
CA LEU B 380 -22.63 22.81 -6.60
C LEU B 380 -22.21 24.25 -6.89
N LEU B 381 -22.43 25.16 -5.93
CA LEU B 381 -22.02 26.55 -6.13
C LEU B 381 -20.51 26.65 -6.36
N GLN B 382 -19.73 25.90 -5.59
CA GLN B 382 -18.30 25.83 -5.80
C GLN B 382 -17.94 24.91 -6.95
N ARG B 383 -18.91 24.15 -7.48
CA ARG B 383 -18.74 23.33 -8.66
C ARG B 383 -17.71 22.21 -8.47
N VAL B 384 -17.96 21.30 -7.53
CA VAL B 384 -17.16 20.09 -7.43
C VAL B 384 -17.55 19.15 -8.57
N PHE B 385 -18.78 19.33 -9.08
CA PHE B 385 -19.25 18.62 -10.27
C PHE B 385 -20.17 19.55 -11.04
N ASP B 386 -20.39 19.23 -12.31
CA ASP B 386 -21.17 20.11 -13.17
C ASP B 386 -22.65 19.80 -13.01
N PRO B 387 -23.51 20.81 -12.93
CA PRO B 387 -24.94 20.56 -12.81
C PRO B 387 -25.51 19.90 -14.06
N ALA B 388 -26.68 19.29 -13.89
CA ALA B 388 -27.33 18.58 -14.99
C ALA B 388 -27.66 19.54 -16.14
N ALA B 389 -28.63 20.42 -15.93
CA ALA B 389 -29.04 21.36 -16.98
C ALA B 389 -29.51 22.63 -16.30
N GLY B 390 -28.62 23.62 -16.21
CA GLY B 390 -28.94 24.87 -15.56
C GLY B 390 -27.81 25.87 -15.64
N ARG B 391 -28.08 27.12 -15.25
CA ARG B 391 -27.12 28.20 -15.37
C ARG B 391 -26.82 28.78 -14.00
N ILE B 392 -25.55 28.69 -13.60
CA ILE B 392 -25.08 29.28 -12.35
C ILE B 392 -24.52 30.65 -12.73
N MET B 393 -25.34 31.68 -12.60
CA MET B 393 -24.98 33.01 -13.04
C MET B 393 -24.28 33.74 -11.89
N ILE B 394 -22.95 33.84 -11.96
CA ILE B 394 -22.17 34.57 -10.98
C ILE B 394 -21.60 35.81 -11.65
N ASP B 395 -21.88 36.97 -11.03
CA ASP B 395 -21.50 38.27 -11.62
C ASP B 395 -22.06 38.42 -13.03
N GLY B 396 -23.28 37.91 -13.24
CA GLY B 396 -23.82 37.87 -14.58
C GLY B 396 -23.05 36.99 -15.53
N THR B 397 -22.28 36.03 -15.00
CA THR B 397 -21.46 35.16 -15.82
C THR B 397 -21.69 33.72 -15.41
N ASP B 398 -21.83 32.84 -16.40
CA ASP B 398 -22.06 31.43 -16.14
C ASP B 398 -20.83 30.80 -15.50
N THR B 399 -21.06 29.75 -14.71
CA THR B 399 -19.96 29.00 -14.12
C THR B 399 -19.26 28.11 -15.12
N ARG B 400 -19.88 27.82 -16.26
CA ARG B 400 -19.29 26.94 -17.25
C ARG B 400 -18.20 27.64 -18.05
N THR B 401 -18.30 28.95 -18.23
CA THR B 401 -17.33 29.72 -19.01
C THR B 401 -16.17 30.23 -18.17
N VAL B 402 -16.13 29.90 -16.88
CA VAL B 402 -15.08 30.39 -15.99
C VAL B 402 -14.07 29.28 -15.75
N SER B 403 -12.79 29.63 -15.82
CA SER B 403 -11.73 28.66 -15.55
C SER B 403 -11.74 28.21 -14.09
N ARG B 404 -11.33 26.97 -13.88
CA ARG B 404 -11.33 26.38 -12.54
C ARG B 404 -10.36 27.07 -11.59
N ARG B 405 -9.22 27.56 -12.08
CA ARG B 405 -8.24 28.18 -11.21
C ARG B 405 -8.82 29.43 -10.54
N SER B 406 -9.51 30.28 -11.30
CA SER B 406 -10.08 31.49 -10.77
C SER B 406 -11.43 31.28 -10.10
N LEU B 407 -12.07 30.13 -10.32
CA LEU B 407 -13.38 29.88 -9.73
C LEU B 407 -13.30 29.72 -8.22
N ARG B 408 -12.34 28.93 -7.75
CA ARG B 408 -12.20 28.66 -6.32
C ARG B 408 -11.21 29.60 -5.64
N HIS B 409 -10.55 30.48 -6.39
CA HIS B 409 -9.59 31.39 -5.79
C HIS B 409 -10.29 32.46 -4.95
N ALA B 410 -11.48 32.90 -5.36
CA ALA B 410 -12.19 33.94 -4.64
C ALA B 410 -13.39 33.37 -3.90
N ILE B 411 -13.25 32.14 -3.41
CA ILE B 411 -14.32 31.47 -2.67
C ILE B 411 -13.75 30.99 -1.34
N ALA B 412 -14.62 30.88 -0.34
CA ALA B 412 -14.19 30.51 1.01
C ALA B 412 -15.29 29.62 1.63
N THR B 413 -15.05 28.31 1.58
CA THR B 413 -16.01 27.31 2.04
C THR B 413 -15.36 26.44 3.09
N VAL B 414 -15.85 26.54 4.33
CA VAL B 414 -15.53 25.52 5.32
C VAL B 414 -16.42 24.29 5.07
N PHE B 415 -15.81 23.12 5.20
CA PHE B 415 -16.51 21.88 4.91
C PHE B 415 -17.23 21.37 6.15
N GLN B 416 -18.29 20.60 5.90
CA GLN B 416 -19.06 19.96 6.96
C GLN B 416 -18.14 18.99 7.70
N ASP B 417 -17.33 18.25 6.95
CA ASP B 417 -16.26 17.44 7.52
C ASP B 417 -14.95 18.20 7.45
N ALA B 418 -14.56 18.86 8.55
CA ALA B 418 -13.36 19.69 8.55
C ALA B 418 -12.10 18.84 8.58
N GLY B 419 -11.63 18.41 7.40
CA GLY B 419 -10.44 17.60 7.31
C GLY B 419 -9.16 18.40 7.46
N LEU B 420 -8.18 17.84 8.15
CA LEU B 420 -6.92 18.51 8.39
C LEU B 420 -5.75 17.56 8.14
N PHE B 421 -4.61 18.15 7.82
CA PHE B 421 -3.38 17.38 7.61
C PHE B 421 -2.70 17.11 8.94
N ASN B 422 -1.62 16.33 8.90
CA ASN B 422 -0.89 15.96 10.11
C ASN B 422 0.27 16.90 10.40
N ARG B 423 0.38 18.00 9.66
CA ARG B 423 1.47 18.94 9.83
C ARG B 423 1.23 19.83 11.05
N SER B 424 2.06 20.84 11.24
CA SER B 424 1.93 21.74 12.37
C SER B 424 0.71 22.63 12.19
N VAL B 425 0.33 23.30 13.28
CA VAL B 425 -0.77 24.25 13.21
C VAL B 425 -0.43 25.41 12.28
N GLU B 426 0.83 25.86 12.30
CA GLU B 426 1.25 26.91 11.38
C GLU B 426 1.02 26.51 9.93
N ASP B 427 1.48 25.33 9.55
CA ASP B 427 1.30 24.88 8.17
C ASP B 427 -0.17 24.64 7.85
N ASN B 428 -0.93 24.06 8.78
CA ASN B 428 -2.32 23.73 8.50
C ASN B 428 -3.19 24.98 8.38
N ILE B 429 -2.87 26.05 9.08
CA ILE B 429 -3.65 27.28 8.97
C ILE B 429 -3.14 28.15 7.82
N ARG B 430 -1.82 28.32 7.72
CA ARG B 430 -1.24 29.24 6.74
C ARG B 430 -1.32 28.60 5.37
N VAL B 431 -2.55 28.51 4.85
CA VAL B 431 -2.79 28.00 3.51
C VAL B 431 -3.63 28.95 2.67
N GLY B 432 -4.29 29.93 3.26
CA GLY B 432 -5.04 30.92 2.50
C GLY B 432 -4.16 32.00 1.94
N ARG B 433 -2.95 32.13 2.47
CA ARG B 433 -1.96 33.09 2.00
C ARG B 433 -0.57 32.53 2.26
N ALA B 434 0.09 32.05 1.21
CA ALA B 434 1.44 31.51 1.32
C ALA B 434 2.48 32.58 1.62
N ASN B 435 2.16 33.85 1.44
CA ASN B 435 3.07 34.95 1.71
C ASN B 435 2.60 35.81 2.88
N ALA B 436 1.82 35.23 3.80
CA ALA B 436 1.27 35.99 4.91
C ALA B 436 2.30 36.18 6.02
N THR B 437 1.89 36.79 7.13
CA THR B 437 2.80 37.05 8.24
C THR B 437 2.21 36.45 9.50
N HIS B 438 3.08 36.16 10.47
CA HIS B 438 2.66 35.62 11.75
C HIS B 438 1.72 36.54 12.50
N GLU B 439 1.86 37.86 12.34
CA GLU B 439 0.88 38.78 12.90
C GLU B 439 -0.50 38.55 12.31
N GLU B 440 -0.57 38.34 10.99
CA GLU B 440 -1.84 38.04 10.34
C GLU B 440 -2.42 36.74 10.87
N VAL B 441 -1.58 35.72 11.04
CA VAL B 441 -2.06 34.44 11.55
C VAL B 441 -2.62 34.60 12.96
N HIS B 442 -1.91 35.36 13.81
CA HIS B 442 -2.38 35.60 15.16
C HIS B 442 -3.71 36.34 15.16
N ALA B 443 -3.84 37.36 14.31
CA ALA B 443 -5.09 38.11 14.24
C ALA B 443 -6.23 37.21 13.78
N ALA B 444 -6.00 36.38 12.75
CA ALA B 444 -7.03 35.48 12.27
C ALA B 444 -7.44 34.48 13.34
N ALA B 445 -6.47 33.91 14.06
CA ALA B 445 -6.80 32.97 15.12
C ALA B 445 -7.58 33.63 16.24
N LYS B 446 -7.16 34.83 16.65
CA LYS B 446 -7.84 35.52 17.75
C LYS B 446 -9.22 36.01 17.36
N ALA B 447 -9.48 36.19 16.07
CA ALA B 447 -10.84 36.49 15.64
C ALA B 447 -11.75 35.29 15.74
N ALA B 448 -11.20 34.08 15.60
CA ALA B 448 -11.96 32.84 15.65
C ALA B 448 -11.80 32.11 16.98
N ALA B 449 -11.13 32.73 17.96
CA ALA B 449 -10.91 32.13 19.28
C ALA B 449 -10.20 30.79 19.18
N ALA B 450 -9.33 30.66 18.19
CA ALA B 450 -8.58 29.42 18.02
C ALA B 450 -7.14 29.61 18.48
N HIS B 451 -6.92 30.61 19.32
CA HIS B 451 -5.59 30.95 19.82
C HIS B 451 -5.57 30.96 21.33
N ASP B 452 -6.72 31.28 21.94
CA ASP B 452 -6.79 31.36 23.39
C ASP B 452 -6.62 29.99 24.03
N PHE B 453 -6.91 28.92 23.30
CA PHE B 453 -6.75 27.57 23.83
C PHE B 453 -5.47 26.90 23.33
N ILE B 454 -4.67 27.59 22.51
CA ILE B 454 -3.49 26.98 21.93
C ILE B 454 -2.24 27.71 22.41
N LEU B 455 -2.41 28.93 22.89
CA LEU B 455 -1.28 29.64 23.48
C LEU B 455 -0.90 29.05 24.83
N ALA B 456 -1.82 28.34 25.47
CA ALA B 456 -1.64 27.85 26.83
C ALA B 456 -1.49 26.33 26.86
N LYS B 457 -1.05 25.73 25.76
CA LYS B 457 -0.81 24.29 25.74
C LYS B 457 -0.03 23.90 24.50
N SER B 458 0.72 22.81 24.62
CA SER B 458 1.33 22.12 23.49
C SER B 458 2.22 23.04 22.65
N GLU B 459 3.22 23.65 23.30
CA GLU B 459 4.28 24.37 22.60
C GLU B 459 3.74 25.51 21.74
N GLY B 460 2.59 26.05 22.14
CA GLY B 460 1.95 27.09 21.36
C GLY B 460 1.53 26.63 19.98
N TYR B 461 1.85 27.42 18.96
CA TYR B 461 1.45 27.11 17.59
C TYR B 461 2.13 25.86 17.03
N ASP B 462 3.43 25.69 17.26
CA ASP B 462 4.18 24.61 16.62
C ASP B 462 3.84 23.30 17.30
N THR B 463 2.70 22.73 16.92
CA THR B 463 2.22 21.45 17.45
C THR B 463 1.81 20.57 16.27
N PHE B 464 2.33 19.34 16.25
CA PHE B 464 1.97 18.39 15.20
C PHE B 464 0.69 17.69 15.59
N VAL B 465 -0.44 18.14 15.02
CA VAL B 465 -1.69 17.41 15.16
C VAL B 465 -1.57 16.14 14.33
N GLY B 466 -2.32 15.12 14.69
CA GLY B 466 -2.30 13.86 13.99
C GLY B 466 -3.20 13.89 12.76
N GLU B 467 -3.41 12.71 12.20
CA GLU B 467 -4.28 12.60 11.04
C GLU B 467 -5.69 13.01 11.41
N ARG B 468 -6.27 13.92 10.61
CA ARG B 468 -7.61 14.45 10.85
C ARG B 468 -7.75 15.00 12.26
N GLY B 469 -6.67 15.56 12.80
CA GLY B 469 -6.70 16.14 14.14
C GLY B 469 -7.04 15.13 15.22
N SER B 470 -6.44 13.95 15.14
CA SER B 470 -6.74 12.87 16.08
C SER B 470 -5.96 13.00 17.38
N GLN B 471 -5.14 14.03 17.53
CA GLN B 471 -4.30 14.17 18.71
C GLN B 471 -4.65 15.35 19.60
N LEU B 472 -5.57 16.22 19.17
CA LEU B 472 -5.98 17.36 19.98
C LEU B 472 -7.50 17.42 20.10
N SER B 473 -8.12 16.24 20.13
CA SER B 473 -9.56 16.04 20.27
C SER B 473 -10.23 16.52 18.97
N GLY B 474 -11.48 16.95 19.01
CA GLY B 474 -12.20 17.31 17.81
C GLY B 474 -12.97 18.60 17.93
N GLY B 475 -12.93 19.22 19.11
CA GLY B 475 -13.60 20.48 19.31
C GLY B 475 -12.74 21.65 18.89
N GLU B 476 -11.54 21.36 18.39
CA GLU B 476 -10.64 22.40 17.91
C GLU B 476 -10.56 22.47 16.40
N ARG B 477 -10.92 21.39 15.70
CA ARG B 477 -10.79 21.40 14.24
C ARG B 477 -11.75 22.39 13.61
N GLN B 478 -12.94 22.54 14.19
CA GLN B 478 -13.87 23.54 13.67
C GLN B 478 -13.33 24.95 13.87
N ARG B 479 -12.77 25.23 15.06
CA ARG B 479 -12.16 26.53 15.28
C ARG B 479 -11.01 26.77 14.31
N LEU B 480 -10.18 25.75 14.08
CA LEU B 480 -9.06 25.90 13.17
C LEU B 480 -9.55 26.15 11.76
N ALA B 481 -10.61 25.45 11.34
CA ALA B 481 -11.14 25.63 9.99
C ALA B 481 -11.71 27.02 9.81
N ILE B 482 -12.46 27.52 10.81
CA ILE B 482 -13.03 28.86 10.64
C ILE B 482 -11.93 29.91 10.69
N ALA B 483 -10.88 29.70 11.48
CA ALA B 483 -9.74 30.61 11.45
C ALA B 483 -9.08 30.59 10.08
N ARG B 484 -8.91 29.41 9.48
CA ARG B 484 -8.34 29.33 8.15
C ARG B 484 -9.19 30.06 7.12
N ALA B 485 -10.51 29.90 7.22
CA ALA B 485 -11.40 30.59 6.29
C ALA B 485 -11.29 32.11 6.46
N ILE B 486 -11.24 32.59 7.71
CA ILE B 486 -11.09 34.02 7.93
C ILE B 486 -9.75 34.50 7.37
N LEU B 487 -8.71 33.67 7.50
CA LEU B 487 -7.40 34.02 6.94
C LEU B 487 -7.45 34.10 5.42
N LYS B 488 -8.27 33.26 4.79
CA LYS B 488 -8.31 33.25 3.32
C LYS B 488 -8.78 34.57 2.75
N ASP B 489 -9.70 35.26 3.44
CA ASP B 489 -10.16 36.59 3.05
C ASP B 489 -10.74 36.61 1.64
N SER B 490 -11.82 35.88 1.42
CA SER B 490 -12.43 35.86 0.10
C SER B 490 -13.76 36.60 0.12
N PRO B 491 -14.19 37.15 -1.03
CA PRO B 491 -15.46 37.89 -1.05
C PRO B 491 -16.68 37.06 -0.66
N ILE B 492 -16.68 35.77 -0.98
CA ILE B 492 -17.82 34.91 -0.67
C ILE B 492 -17.42 33.87 0.36
N LEU B 493 -17.94 34.03 1.58
CA LEU B 493 -17.63 33.09 2.65
C LEU B 493 -18.80 32.13 2.84
N VAL B 494 -18.48 30.83 2.95
CA VAL B 494 -19.49 29.80 3.06
C VAL B 494 -19.27 29.06 4.37
N LEU B 495 -20.21 29.19 5.30
CA LEU B 495 -20.15 28.56 6.60
C LEU B 495 -21.02 27.31 6.60
N ASP B 496 -20.45 26.21 6.12
CA ASP B 496 -21.14 24.93 6.08
C ASP B 496 -20.89 24.19 7.39
N GLU B 497 -21.87 24.20 8.29
CA GLU B 497 -21.78 23.53 9.58
C GLU B 497 -20.56 23.98 10.37
N ALA B 498 -20.23 25.27 10.28
CA ALA B 498 -19.21 25.84 11.13
C ALA B 498 -19.70 26.03 12.56
N THR B 499 -21.01 26.06 12.76
CA THR B 499 -21.62 26.13 14.08
C THR B 499 -22.11 24.75 14.47
N SER B 500 -21.50 24.18 15.51
CA SER B 500 -21.81 22.82 15.93
C SER B 500 -21.83 22.74 17.45
N ALA B 501 -21.76 21.53 17.99
CA ALA B 501 -21.86 21.33 19.44
C ALA B 501 -20.62 21.94 20.08
N LEU B 502 -20.72 23.24 20.35
CA LEU B 502 -19.73 24.00 21.09
C LEU B 502 -20.45 24.86 22.12
N ASP B 503 -19.65 25.57 22.92
CA ASP B 503 -20.22 26.44 23.94
C ASP B 503 -21.08 27.53 23.31
N VAL B 504 -22.19 27.84 23.97
CA VAL B 504 -23.08 28.88 23.47
C VAL B 504 -22.39 30.24 23.49
N GLU B 505 -21.55 30.49 24.50
CA GLU B 505 -20.75 31.70 24.51
C GLU B 505 -19.74 31.69 23.36
N THR B 506 -19.09 30.54 23.14
CA THR B 506 -18.18 30.42 22.01
C THR B 506 -18.91 30.63 20.70
N GLU B 507 -20.11 30.05 20.58
CA GLU B 507 -20.88 30.20 19.35
C GLU B 507 -21.25 31.66 19.10
N GLU B 508 -21.72 32.36 20.13
CA GLU B 508 -22.11 33.75 19.93
C GLU B 508 -20.89 34.61 19.60
N LYS B 509 -19.74 34.33 20.23
CA LYS B 509 -18.54 35.09 19.92
C LYS B 509 -18.09 34.85 18.49
N VAL B 510 -18.11 33.60 18.03
CA VAL B 510 -17.71 33.31 16.67
C VAL B 510 -18.66 33.98 15.68
N THR B 511 -19.97 33.91 15.97
CA THR B 511 -20.94 34.52 15.07
C THR B 511 -20.74 36.03 14.98
N GLN B 512 -20.55 36.70 16.11
CA GLN B 512 -20.37 38.14 16.06
C GLN B 512 -19.05 38.52 15.38
N ALA B 513 -17.99 37.73 15.59
CA ALA B 513 -16.72 38.03 14.94
C ALA B 513 -16.82 37.88 13.43
N VAL B 514 -17.40 36.77 12.97
CA VAL B 514 -17.53 36.59 11.53
C VAL B 514 -18.50 37.61 10.95
N ASP B 515 -19.50 38.03 11.73
CA ASP B 515 -20.40 39.09 11.28
C ASP B 515 -19.64 40.38 11.05
N GLU B 516 -18.78 40.77 12.00
CA GLU B 516 -17.98 41.98 11.84
C GLU B 516 -16.99 41.86 10.69
N LEU B 517 -16.42 40.68 10.47
CA LEU B 517 -15.46 40.52 9.38
C LEU B 517 -16.12 40.47 8.01
N SER B 518 -17.35 39.94 7.93
CA SER B 518 -18.01 39.75 6.65
C SER B 518 -19.10 40.78 6.39
N HIS B 519 -19.24 41.78 7.24
CA HIS B 519 -20.16 42.87 6.95
C HIS B 519 -19.82 43.59 5.65
N ASN B 520 -18.57 43.48 5.18
CA ASN B 520 -18.12 44.14 3.98
C ASN B 520 -18.45 43.36 2.70
N ARG B 521 -19.00 42.16 2.82
CA ARG B 521 -19.22 41.32 1.65
C ARG B 521 -20.45 40.45 1.90
N THR B 522 -20.63 39.44 1.07
CA THR B 522 -21.75 38.51 1.17
C THR B 522 -21.23 37.13 1.58
N THR B 523 -21.98 36.48 2.47
CA THR B 523 -21.55 35.20 3.01
C THR B 523 -22.75 34.28 3.19
N PHE B 524 -22.45 32.98 3.28
CA PHE B 524 -23.45 31.93 3.32
C PHE B 524 -23.34 31.15 4.62
N ILE B 525 -24.49 30.82 5.20
CA ILE B 525 -24.57 30.09 6.46
C ILE B 525 -25.38 28.82 6.24
N ILE B 526 -24.80 27.69 6.60
CA ILE B 526 -25.48 26.39 6.53
C ILE B 526 -25.51 25.84 7.94
N ALA B 527 -26.60 26.11 8.66
CA ALA B 527 -26.73 25.66 10.04
C ALA B 527 -28.20 25.53 10.38
N HIS B 528 -28.49 24.57 11.27
CA HIS B 528 -29.84 24.33 11.74
C HIS B 528 -30.19 25.11 13.00
N ARG B 529 -29.20 25.65 13.71
CA ARG B 529 -29.47 26.42 14.90
C ARG B 529 -30.00 27.80 14.53
N LEU B 530 -31.12 28.19 15.13
CA LEU B 530 -31.76 29.46 14.80
C LEU B 530 -31.10 30.66 15.45
N SER B 531 -30.14 30.44 16.36
CA SER B 531 -29.48 31.54 17.04
C SER B 531 -28.29 32.09 16.28
N THR B 532 -27.86 31.43 15.20
CA THR B 532 -26.69 31.84 14.43
C THR B 532 -27.06 32.64 13.19
N VAL B 533 -28.34 32.99 13.02
CA VAL B 533 -28.79 33.71 11.84
C VAL B 533 -29.60 34.95 12.21
N ARG B 534 -29.37 35.51 13.38
CA ARG B 534 -30.10 36.72 13.79
C ARG B 534 -29.77 37.90 12.88
N SER B 535 -28.57 37.93 12.30
CA SER B 535 -28.11 39.03 11.48
C SER B 535 -28.23 38.76 9.98
N ALA B 536 -28.91 37.68 9.61
CA ALA B 536 -29.07 37.34 8.19
C ALA B 536 -30.01 38.34 7.52
N ASP B 537 -29.84 38.49 6.21
CA ASP B 537 -30.63 39.43 5.43
C ASP B 537 -31.68 38.77 4.54
N LEU B 538 -31.31 37.70 3.82
CA LEU B 538 -32.26 36.99 2.95
C LEU B 538 -32.11 35.49 3.25
N VAL B 539 -32.90 35.02 4.20
CA VAL B 539 -32.86 33.64 4.64
C VAL B 539 -33.96 32.86 3.93
N LEU B 540 -33.66 31.61 3.59
CA LEU B 540 -34.63 30.76 2.91
C LEU B 540 -34.50 29.34 3.45
N PHE B 541 -35.62 28.62 3.45
CA PHE B 541 -35.67 27.25 3.93
C PHE B 541 -36.07 26.33 2.78
N MET B 542 -35.35 25.22 2.66
CA MET B 542 -35.48 24.32 1.52
C MET B 542 -35.74 22.91 2.03
N ASP B 543 -36.72 22.23 1.43
CA ASP B 543 -37.10 20.89 1.83
C ASP B 543 -37.09 19.95 0.62
N LYS B 544 -36.29 18.89 0.72
CA LYS B 544 -36.21 17.84 -0.30
C LYS B 544 -35.91 18.41 -1.69
N GLY B 545 -35.08 19.44 -1.75
CA GLY B 545 -34.73 20.02 -3.03
C GLY B 545 -35.81 20.86 -3.65
N HIS B 546 -36.86 21.20 -2.90
CA HIS B 546 -37.94 22.05 -3.39
C HIS B 546 -38.12 23.20 -2.40
N LEU B 547 -38.05 24.43 -2.91
CA LEU B 547 -38.35 25.57 -2.08
C LEU B 547 -39.85 25.65 -1.80
N VAL B 548 -40.19 26.32 -0.71
CA VAL B 548 -41.58 26.48 -0.32
C VAL B 548 -41.98 27.95 -0.47
N GLU B 549 -41.31 28.82 0.26
CA GLU B 549 -41.60 30.25 0.21
C GLU B 549 -40.41 31.09 -0.24
N SER B 550 -39.23 30.83 0.32
CA SER B 550 -38.04 31.64 0.06
C SER B 550 -38.31 33.12 0.31
N GLY B 551 -39.00 33.37 1.42
CA GLY B 551 -39.49 34.69 1.76
C GLY B 551 -38.43 35.60 2.35
N SER B 552 -38.89 36.63 3.04
CA SER B 552 -38.01 37.67 3.56
C SER B 552 -37.33 37.24 4.85
N PHE B 553 -36.68 38.20 5.52
CA PHE B 553 -36.01 37.91 6.78
C PHE B 553 -37.00 37.44 7.85
N ASN B 554 -38.16 38.10 7.92
CA ASN B 554 -39.21 37.72 8.85
C ASN B 554 -40.30 36.98 8.08
N GLU B 555 -40.52 35.72 8.44
CA GLU B 555 -41.47 34.87 7.74
C GLU B 555 -42.24 34.03 8.76
N LEU B 556 -43.37 33.49 8.32
CA LEU B 556 -44.20 32.65 9.16
C LEU B 556 -44.12 31.18 8.72
PB ADP C . -14.00 17.42 25.26
O1B ADP C . -14.75 18.50 24.53
O2B ADP C . -13.18 17.92 26.42
O3B ADP C . -14.81 16.19 25.55
PA ADP C . -11.85 15.76 24.59
O1A ADP C . -12.25 15.19 25.92
O2A ADP C . -11.71 14.84 23.40
O3A ADP C . -12.91 16.91 24.18
O5' ADP C . -10.45 16.54 24.75
C5' ADP C . -10.17 17.34 25.89
C4' ADP C . -8.72 17.77 25.84
O4' ADP C . -7.88 16.61 25.76
C3' ADP C . -8.44 18.58 24.58
O3' ADP C . -8.18 19.95 24.95
C2' ADP C . -7.21 17.98 23.94
O2' ADP C . -6.16 18.94 23.89
C1' ADP C . -6.80 16.82 24.85
N9 ADP C . -6.60 15.61 24.03
C8 ADP C . -7.57 14.86 23.48
N7 ADP C . -7.05 13.82 22.79
C5 ADP C . -5.72 13.89 22.90
C6 ADP C . -4.57 13.09 22.41
N6 ADP C . -4.76 11.98 21.65
N1 ADP C . -3.32 13.50 22.74
C2 ADP C . -3.13 14.60 23.50
N3 ADP C . -4.13 15.37 23.97
C4 ADP C . -5.42 15.07 23.72
V VO4 D . -16.03 18.24 22.15
O1 VO4 D . -16.92 18.17 20.45
O2 VO4 D . -15.17 16.57 22.46
O3 VO4 D . -17.31 18.58 23.51
O4 VO4 D . -14.72 19.63 22.11
PB ADP E . -28.29 17.97 3.31
O1B ADP E . -28.67 17.70 4.75
O2B ADP E . -29.45 17.83 2.35
O3B ADP E . -27.46 19.21 3.11
PA ADP E . -26.73 16.63 1.44
O1A ADP E . -27.10 17.88 0.68
O2A ADP E . -25.28 16.25 1.54
O3A ADP E . -27.30 16.77 2.93
O5' ADP E . -27.51 15.38 0.81
C5' ADP E . -28.89 15.44 0.47
C4' ADP E . -29.26 14.15 -0.27
O4' ADP E . -28.32 13.90 -1.30
C3' ADP E . -29.23 12.95 0.66
O3' ADP E . -30.57 12.48 0.88
C2' ADP E . -28.42 11.89 -0.06
O2' ADP E . -29.21 10.72 -0.28
C1' ADP E . -28.04 12.50 -1.40
N9 ADP E . -26.61 12.28 -1.67
C8 ADP E . -25.59 12.97 -1.13
N7 ADP E . -24.40 12.52 -1.59
C5 ADP E . -24.65 11.51 -2.45
C6 ADP E . -23.85 10.60 -3.29
N6 ADP E . -22.49 10.67 -3.31
N1 ADP E . -24.50 9.69 -4.04
C2 ADP E . -25.84 9.61 -4.03
N3 ADP E . -26.63 10.40 -3.30
C4 ADP E . -26.11 11.36 -2.49
V VO4 F . -27.01 18.00 6.88
O1 VO4 F . -25.91 18.15 8.44
O2 VO4 F . -25.90 17.90 5.35
O3 VO4 F . -28.16 19.53 6.77
O4 VO4 F . -28.07 16.42 7.03
#